data_7KYS
#
_entry.id   7KYS
#
_cell.length_a   60.040
_cell.length_b   67.000
_cell.length_c   99.530
_cell.angle_alpha   90.000
_cell.angle_beta   91.031
_cell.angle_gamma   90.000
#
_symmetry.space_group_name_H-M   'P 1 21 1'
#
loop_
_entity.id
_entity.type
_entity.pdbx_description
1 polymer 'BRCA2 and CDKN1A-interacting protein'
2 non-polymer 1,2-ETHANEDIOL
3 non-polymer DI(HYDROXYETHYL)ETHER
4 water water
#
_entity_poly.entity_id   1
_entity_poly.type   'polypeptide(L)'
_entity_poly.pdbx_seq_one_letter_code
;HHFEAYSLSDNDYDGIKKLLQQLFLKAPVNTAELTDLLIQQNHIGSVIKQTDVSEDSNDDMDEDEVFGFISLLNLTERKG
TQCVEQIQELVLRFCEKNCEKSMVEQLDKFLNDTTKPVGLLLSERFINVPPQIALPMYQQLQKELAGAHRTNKPCGKCYF
YLLISKTFVEAGKNNSKKKPSNKKKAALMFANAEEEFFYEKAILKFNYSVQEESDTCLGGKWSFDDVPMTPLRTVMLIPG
DKMNEIMDKLKEYLSV
;
_entity_poly.pdbx_strand_id   A,B,C
#
loop_
_chem_comp.id
_chem_comp.type
_chem_comp.name
_chem_comp.formula
EDO non-polymer 1,2-ETHANEDIOL 'C2 H6 O2'
PEG non-polymer DI(HYDROXYETHYL)ETHER 'C4 H10 O3'
#
# COMPACT_ATOMS: atom_id res chain seq x y z
N HIS A 1 -38.94 -1.09 -9.70
CA HIS A 1 -37.48 -0.98 -9.64
C HIS A 1 -36.84 -2.27 -10.14
N HIS A 2 -36.15 -2.17 -11.26
CA HIS A 2 -35.52 -3.32 -11.87
C HIS A 2 -34.02 -3.27 -11.61
N PHE A 3 -33.44 -4.43 -11.30
CA PHE A 3 -32.01 -4.52 -11.02
C PHE A 3 -31.41 -5.54 -11.96
N GLU A 4 -30.15 -5.31 -12.32
CA GLU A 4 -29.40 -6.20 -13.19
C GLU A 4 -28.05 -6.48 -12.55
N ALA A 5 -27.58 -7.70 -12.69
CA ALA A 5 -26.30 -8.13 -12.15
C ALA A 5 -25.29 -8.30 -13.28
N TYR A 6 -24.11 -7.71 -13.10
CA TYR A 6 -23.06 -7.74 -14.09
C TYR A 6 -21.77 -8.23 -13.45
N SER A 7 -20.86 -8.71 -14.29
CA SER A 7 -19.51 -9.02 -13.83
C SER A 7 -18.83 -7.75 -13.37
N LEU A 8 -17.85 -7.91 -12.48
CA LEU A 8 -17.10 -6.76 -11.98
C LEU A 8 -16.30 -6.13 -13.11
N SER A 9 -16.30 -4.80 -13.14
CA SER A 9 -15.69 -4.04 -14.22
C SER A 9 -14.85 -2.91 -13.69
N ASP A 10 -13.96 -2.42 -14.55
CA ASP A 10 -13.18 -1.24 -14.22
C ASP A 10 -14.11 -0.05 -13.97
N ASN A 11 -15.25 -0.02 -14.65
CA ASN A 11 -16.23 1.05 -14.49
C ASN A 11 -16.83 1.07 -13.08
N ASP A 12 -16.86 -0.08 -12.39
CA ASP A 12 -17.45 -0.20 -11.07
C ASP A 12 -16.46 0.08 -9.95
N TYR A 13 -15.28 0.59 -10.28
CA TYR A 13 -14.23 0.77 -9.28
C TYR A 13 -14.70 1.68 -8.14
N ASP A 14 -15.28 2.84 -8.47
CA ASP A 14 -15.68 3.80 -7.44
C ASP A 14 -16.79 3.24 -6.56
N GLY A 15 -17.80 2.63 -7.17
CA GLY A 15 -18.92 2.09 -6.41
C GLY A 15 -18.51 0.94 -5.51
N ILE A 16 -17.67 0.03 -6.02
CA ILE A 16 -17.19 -1.07 -5.19
C ILE A 16 -16.35 -0.53 -4.05
N LYS A 17 -15.49 0.45 -4.34
CA LYS A 17 -14.64 1.00 -3.29
C LYS A 17 -15.45 1.63 -2.17
N LYS A 18 -16.48 2.44 -2.50
CA LYS A 18 -17.23 3.10 -1.43
C LYS A 18 -17.93 2.06 -0.56
N LEU A 19 -18.45 0.99 -1.16
CA LEU A 19 -19.08 -0.08 -0.38
C LEU A 19 -18.09 -0.75 0.55
N LEU A 20 -16.86 -0.97 0.06
CA LEU A 20 -15.83 -1.53 0.93
C LEU A 20 -15.51 -0.56 2.06
N GLN A 21 -15.51 0.74 1.77
CA GLN A 21 -15.17 1.72 2.80
C GLN A 21 -16.23 1.83 3.87
N GLN A 22 -17.49 1.58 3.50
CA GLN A 22 -18.57 1.55 4.46
C GLN A 22 -18.33 0.42 5.45
N LEU A 23 -17.71 -0.65 4.96
CA LEU A 23 -17.46 -1.83 5.77
C LEU A 23 -16.20 -1.68 6.64
N PHE A 24 -15.11 -1.23 6.03
CA PHE A 24 -13.83 -1.16 6.72
C PHE A 24 -13.52 0.21 7.34
N LEU A 25 -14.34 1.20 7.04
CA LEU A 25 -14.16 2.55 7.59
C LEU A 25 -12.72 3.03 7.49
N LYS A 26 -12.00 2.97 8.59
CA LYS A 26 -10.62 3.45 8.63
C LYS A 26 -9.63 2.42 9.17
N ALA A 27 -10.09 1.18 9.36
CA ALA A 27 -9.22 0.10 9.79
C ALA A 27 -8.06 -0.02 8.83
N PRO A 28 -6.98 -0.68 9.22
CA PRO A 28 -5.83 -0.75 8.31
C PRO A 28 -5.99 -1.78 7.20
N VAL A 29 -6.86 -1.50 6.25
CA VAL A 29 -7.06 -2.34 5.04
C VAL A 29 -7.14 -1.39 3.84
N ASN A 30 -6.33 -1.60 2.81
CA ASN A 30 -6.33 -0.70 1.63
C ASN A 30 -7.55 -1.01 0.77
N THR A 31 -8.61 -0.20 0.88
CA THR A 31 -9.86 -0.48 0.14
C THR A 31 -9.59 -0.37 -1.36
N ALA A 32 -8.63 0.47 -1.75
CA ALA A 32 -8.32 0.64 -3.16
C ALA A 32 -7.66 -0.62 -3.72
N GLU A 33 -6.65 -1.13 -3.02
CA GLU A 33 -5.99 -2.35 -3.46
C GLU A 33 -6.97 -3.52 -3.45
N LEU A 34 -7.84 -3.61 -2.43
CA LEU A 34 -8.83 -4.67 -2.36
C LEU A 34 -9.83 -4.57 -3.52
N THR A 35 -10.27 -3.36 -3.85
CA THR A 35 -11.18 -3.21 -4.98
C THR A 35 -10.52 -3.70 -6.26
N ASP A 36 -9.25 -3.35 -6.47
CA ASP A 36 -8.53 -3.82 -7.65
C ASP A 36 -8.45 -5.35 -7.66
N LEU A 37 -8.20 -5.95 -6.49
CA LEU A 37 -8.12 -7.40 -6.45
C LEU A 37 -9.45 -8.04 -6.84
N LEU A 38 -10.56 -7.49 -6.35
CA LEU A 38 -11.86 -8.06 -6.70
C LEU A 38 -12.12 -7.95 -8.19
N ILE A 39 -11.83 -6.78 -8.78
CA ILE A 39 -12.09 -6.58 -10.20
C ILE A 39 -11.23 -7.51 -11.05
N GLN A 40 -9.96 -7.69 -10.66
CA GLN A 40 -9.07 -8.58 -11.39
C GLN A 40 -9.59 -10.01 -11.40
N GLN A 41 -10.31 -10.41 -10.36
CA GLN A 41 -10.78 -11.78 -10.28
C GLN A 41 -11.85 -12.01 -11.34
N ASN A 42 -11.59 -12.99 -12.18
CA ASN A 42 -12.37 -13.34 -13.34
C ASN A 42 -13.27 -14.52 -13.07
N HIS A 43 -14.52 -14.36 -13.50
CA HIS A 43 -15.64 -15.28 -13.39
C HIS A 43 -16.21 -15.35 -11.99
N ILE A 44 -15.73 -14.56 -11.03
CA ILE A 44 -16.21 -14.58 -9.67
C ILE A 44 -16.66 -13.19 -9.24
N GLY A 45 -17.86 -13.10 -8.75
CA GLY A 45 -18.31 -11.83 -8.25
C GLY A 45 -19.22 -11.16 -9.24
N SER A 46 -20.15 -10.37 -8.72
CA SER A 46 -21.06 -9.63 -9.57
C SER A 46 -21.42 -8.34 -8.86
N VAL A 47 -21.84 -7.36 -9.64
CA VAL A 47 -22.26 -6.06 -9.14
C VAL A 47 -23.72 -5.83 -9.51
N ILE A 48 -24.44 -5.11 -8.66
CA ILE A 48 -25.85 -4.80 -8.88
C ILE A 48 -25.96 -3.37 -9.37
N LYS A 49 -26.66 -3.18 -10.48
CA LYS A 49 -26.94 -1.87 -11.02
C LYS A 49 -28.43 -1.77 -11.32
N GLN A 50 -28.98 -0.59 -11.10
CA GLN A 50 -30.37 -0.31 -11.40
C GLN A 50 -30.51 0.07 -12.87
N THR A 51 -31.43 -0.61 -13.57
CA THR A 51 -31.63 -0.36 -14.99
C THR A 51 -33.05 0.10 -15.31
N ASP A 62 -27.01 7.18 -12.33
CA ASP A 62 -28.05 6.20 -12.03
C ASP A 62 -27.60 4.79 -12.44
N GLU A 63 -27.39 4.59 -13.74
CA GLU A 63 -26.94 3.29 -14.24
C GLU A 63 -25.48 3.03 -13.95
N ASP A 64 -24.68 4.07 -13.68
CA ASP A 64 -23.31 3.87 -13.24
C ASP A 64 -23.25 3.41 -11.79
N GLU A 65 -24.12 3.97 -10.94
CA GLU A 65 -24.09 3.69 -9.52
C GLU A 65 -24.12 2.20 -9.23
N VAL A 66 -23.23 1.78 -8.35
CA VAL A 66 -23.13 0.38 -7.93
C VAL A 66 -23.94 0.24 -6.65
N PHE A 67 -25.12 -0.38 -6.75
CA PHE A 67 -25.97 -0.55 -5.58
C PHE A 67 -25.46 -1.66 -4.66
N GLY A 68 -24.78 -2.66 -5.18
CA GLY A 68 -24.30 -3.73 -4.34
C GLY A 68 -23.31 -4.58 -5.10
N PHE A 69 -22.60 -5.40 -4.34
CA PHE A 69 -21.69 -6.37 -4.96
C PHE A 69 -21.54 -7.56 -4.03
N ILE A 70 -21.19 -8.69 -4.61
CA ILE A 70 -20.83 -9.86 -3.85
C ILE A 70 -19.65 -10.54 -4.53
N SER A 71 -18.68 -11.00 -3.74
CA SER A 71 -17.55 -11.74 -4.30
C SER A 71 -16.92 -12.59 -3.20
N LEU A 72 -15.97 -13.41 -3.60
CA LEU A 72 -15.23 -14.30 -2.71
C LEU A 72 -13.75 -14.18 -3.02
N LEU A 73 -12.91 -14.19 -1.97
CA LEU A 73 -11.46 -14.26 -2.11
C LEU A 73 -10.95 -15.46 -1.32
N ASN A 74 -10.12 -16.28 -1.95
CA ASN A 74 -9.44 -17.37 -1.26
C ASN A 74 -8.23 -16.76 -0.54
N LEU A 75 -8.26 -16.75 0.78
CA LEU A 75 -7.23 -16.04 1.53
C LEU A 75 -5.85 -16.67 1.38
N THR A 76 -5.77 -18.01 1.36
CA THR A 76 -4.46 -18.64 1.19
C THR A 76 -3.94 -18.50 -0.25
N GLU A 77 -4.83 -18.60 -1.24
CA GLU A 77 -4.42 -18.38 -2.63
C GLU A 77 -3.84 -16.98 -2.82
N ARG A 78 -4.46 -15.97 -2.22
CA ARG A 78 -4.04 -14.59 -2.43
C ARG A 78 -2.96 -14.14 -1.47
N LYS A 79 -2.22 -15.09 -0.87
CA LYS A 79 -1.04 -14.67 -0.14
C LYS A 79 -0.11 -13.90 -1.07
N GLY A 80 0.59 -12.93 -0.50
CA GLY A 80 1.38 -12.03 -1.29
C GLY A 80 0.66 -10.77 -1.68
N THR A 81 -0.66 -10.71 -1.52
CA THR A 81 -1.38 -9.44 -1.66
C THR A 81 -1.40 -8.76 -0.30
N GLN A 82 -1.05 -7.47 -0.27
CA GLN A 82 -0.96 -6.77 1.01
C GLN A 82 -2.32 -6.68 1.70
N CYS A 83 -3.36 -6.33 0.94
CA CYS A 83 -4.67 -6.12 1.56
C CYS A 83 -5.24 -7.40 2.13
N VAL A 84 -4.94 -8.54 1.49
CA VAL A 84 -5.37 -9.84 2.02
C VAL A 84 -4.67 -10.12 3.35
N GLU A 85 -3.37 -9.85 3.43
CA GLU A 85 -2.66 -9.98 4.71
C GLU A 85 -3.26 -9.04 5.74
N GLN A 86 -3.60 -7.81 5.32
CA GLN A 86 -4.16 -6.82 6.23
C GLN A 86 -5.48 -7.28 6.81
N ILE A 87 -6.34 -7.88 5.97
CA ILE A 87 -7.62 -8.36 6.47
C ILE A 87 -7.41 -9.44 7.52
N GLN A 88 -6.48 -10.36 7.27
CA GLN A 88 -6.20 -11.41 8.24
C GLN A 88 -5.64 -10.82 9.52
N GLU A 89 -4.70 -9.88 9.41
CA GLU A 89 -4.17 -9.26 10.62
C GLU A 89 -5.23 -8.43 11.33
N LEU A 90 -6.19 -7.90 10.57
CA LEU A 90 -7.26 -7.13 11.19
C LEU A 90 -8.12 -8.01 12.10
N VAL A 91 -8.61 -9.13 11.60
CA VAL A 91 -9.52 -9.95 12.40
C VAL A 91 -8.79 -10.57 13.58
N LEU A 92 -7.53 -10.94 13.40
CA LEU A 92 -6.78 -11.52 14.50
C LEU A 92 -6.56 -10.52 15.64
N ARG A 93 -6.22 -9.28 15.28
CA ARG A 93 -5.94 -8.27 16.29
C ARG A 93 -7.18 -7.93 17.11
N PHE A 94 -8.33 -7.83 16.44
CA PHE A 94 -9.58 -7.62 17.16
C PHE A 94 -10.02 -8.88 17.89
N CYS A 95 -9.66 -10.06 17.37
CA CYS A 95 -9.88 -11.28 18.14
C CYS A 95 -9.05 -11.25 19.42
N GLU A 96 -7.80 -10.81 19.34
CA GLU A 96 -6.97 -10.71 20.54
C GLU A 96 -7.57 -9.75 21.55
N LYS A 97 -8.13 -8.62 21.08
CA LYS A 97 -8.63 -7.60 21.98
C LYS A 97 -9.94 -7.97 22.64
N ASN A 98 -10.75 -8.81 21.98
CA ASN A 98 -12.11 -9.04 22.42
C ASN A 98 -12.41 -10.48 22.79
N CYS A 99 -11.42 -11.36 22.74
CA CYS A 99 -11.69 -12.77 22.91
C CYS A 99 -10.59 -13.42 23.74
N GLU A 100 -10.94 -14.61 24.22
CA GLU A 100 -10.07 -15.45 24.99
C GLU A 100 -9.00 -16.03 24.07
N LYS A 101 -7.79 -16.19 24.61
CA LYS A 101 -6.65 -16.68 23.80
C LYS A 101 -6.98 -18.01 23.12
N SER A 102 -7.77 -18.87 23.78
CA SER A 102 -8.16 -20.13 23.15
C SER A 102 -8.86 -19.86 21.81
N MET A 103 -9.77 -18.87 21.77
CA MET A 103 -10.44 -18.53 20.51
C MET A 103 -9.46 -17.91 19.52
N VAL A 104 -8.52 -17.11 20.02
CA VAL A 104 -7.54 -16.49 19.15
C VAL A 104 -6.66 -17.54 18.50
N GLU A 105 -6.21 -18.53 19.28
CA GLU A 105 -5.33 -19.57 18.74
C GLU A 105 -5.99 -20.28 17.57
N GLN A 106 -7.22 -20.73 17.75
CA GLN A 106 -7.91 -21.46 16.70
C GLN A 106 -8.27 -20.58 15.50
N LEU A 107 -8.66 -19.34 15.73
CA LEU A 107 -8.80 -18.43 14.58
C LEU A 107 -7.49 -18.38 13.80
N ASP A 108 -6.37 -18.24 14.49
CA ASP A 108 -5.08 -18.22 13.81
C ASP A 108 -4.79 -19.54 13.12
N LYS A 109 -5.16 -20.66 13.76
CA LYS A 109 -4.96 -21.96 13.12
C LYS A 109 -5.84 -22.06 11.87
N PHE A 110 -7.08 -21.60 11.95
CA PHE A 110 -7.95 -21.68 10.78
C PHE A 110 -7.39 -20.89 9.60
N LEU A 111 -6.87 -19.69 9.86
CA LEU A 111 -6.37 -18.82 8.81
C LEU A 111 -5.04 -19.29 8.21
N ASN A 112 -4.28 -20.10 8.91
CA ASN A 112 -2.99 -20.56 8.40
C ASN A 112 -3.01 -22.02 7.98
N ASP A 113 -4.18 -22.62 7.87
CA ASP A 113 -4.33 -24.01 7.43
C ASP A 113 -4.41 -24.04 5.90
N THR A 114 -3.27 -24.27 5.26
CA THR A 114 -3.20 -24.27 3.79
C THR A 114 -4.05 -25.37 3.17
N THR A 115 -4.19 -26.52 3.84
CA THR A 115 -4.98 -27.62 3.30
C THR A 115 -6.47 -27.30 3.27
N LYS A 116 -6.95 -26.51 4.22
CA LYS A 116 -8.37 -26.13 4.32
C LYS A 116 -8.46 -24.63 4.13
N PRO A 117 -8.45 -24.15 2.88
CA PRO A 117 -8.44 -22.70 2.64
C PRO A 117 -9.70 -22.03 3.16
N VAL A 118 -9.54 -20.77 3.56
CA VAL A 118 -10.64 -19.94 4.05
C VAL A 118 -10.96 -18.91 2.97
N GLY A 119 -12.23 -18.80 2.61
CA GLY A 119 -12.67 -17.85 1.62
C GLY A 119 -13.35 -16.68 2.28
N LEU A 120 -12.84 -15.48 2.02
CA LEU A 120 -13.46 -14.26 2.52
C LEU A 120 -14.67 -13.93 1.66
N LEU A 121 -15.81 -13.86 2.28
CA LEU A 121 -17.07 -13.56 1.60
C LEU A 121 -17.36 -12.07 1.81
N LEU A 122 -17.45 -11.32 0.71
CA LEU A 122 -17.75 -9.88 0.76
C LEU A 122 -19.08 -9.65 0.05
N SER A 123 -20.07 -9.17 0.79
CA SER A 123 -21.41 -8.95 0.25
C SER A 123 -21.97 -7.64 0.81
N GLU A 124 -21.91 -6.57 0.02
CA GLU A 124 -22.20 -5.24 0.52
C GLU A 124 -23.25 -4.61 -0.38
N ARG A 125 -24.20 -3.88 0.21
CA ARG A 125 -25.24 -3.23 -0.59
C ARG A 125 -25.78 -2.02 0.15
N PHE A 126 -26.43 -1.13 -0.59
CA PHE A 126 -27.07 -0.02 0.09
C PHE A 126 -28.39 -0.48 0.72
N ILE A 127 -28.81 0.22 1.78
CA ILE A 127 -29.96 -0.25 2.57
C ILE A 127 -31.25 -0.13 1.79
N ASN A 128 -31.35 0.85 0.90
CA ASN A 128 -32.54 1.04 0.09
C ASN A 128 -32.84 -0.09 -0.91
N VAL A 129 -31.85 -0.88 -1.33
CA VAL A 129 -32.18 -2.01 -2.22
C VAL A 129 -33.05 -3.03 -1.47
N PRO A 130 -34.07 -3.61 -2.11
CA PRO A 130 -34.92 -4.58 -1.41
C PRO A 130 -34.11 -5.76 -0.92
N PRO A 131 -34.35 -6.21 0.31
CA PRO A 131 -33.54 -7.30 0.86
C PRO A 131 -33.67 -8.62 0.10
N GLN A 132 -34.73 -8.80 -0.69
CA GLN A 132 -34.91 -10.06 -1.44
C GLN A 132 -33.85 -10.25 -2.51
N ILE A 133 -33.16 -9.18 -2.91
CA ILE A 133 -32.11 -9.32 -3.93
C ILE A 133 -30.96 -10.17 -3.40
N ALA A 134 -30.87 -10.35 -2.09
CA ALA A 134 -29.77 -11.12 -1.54
C ALA A 134 -29.80 -12.56 -2.04
N LEU A 135 -31.00 -13.11 -2.26
CA LEU A 135 -31.09 -14.50 -2.72
C LEU A 135 -30.47 -14.70 -4.09
N PRO A 136 -30.82 -13.93 -5.14
CA PRO A 136 -30.09 -14.11 -6.41
C PRO A 136 -28.60 -13.84 -6.28
N MET A 137 -28.17 -12.91 -5.42
CA MET A 137 -26.73 -12.66 -5.28
C MET A 137 -26.00 -13.89 -4.80
N TYR A 138 -26.52 -14.54 -3.75
CA TYR A 138 -25.86 -15.73 -3.20
C TYR A 138 -26.01 -16.92 -4.11
N GLN A 139 -27.17 -17.07 -4.76
CA GLN A 139 -27.34 -18.17 -5.71
C GLN A 139 -26.35 -18.06 -6.85
N GLN A 140 -26.18 -16.84 -7.39
CA GLN A 140 -25.21 -16.65 -8.47
C GLN A 140 -23.80 -16.94 -7.97
N LEU A 141 -23.45 -16.46 -6.78
CA LEU A 141 -22.13 -16.75 -6.25
C LEU A 141 -21.95 -18.25 -6.04
N GLN A 142 -23.00 -18.94 -5.60
CA GLN A 142 -22.90 -20.40 -5.43
C GLN A 142 -22.67 -21.08 -6.77
N LYS A 143 -23.36 -20.63 -7.82
CA LYS A 143 -23.12 -21.21 -9.13
C LYS A 143 -21.66 -21.00 -9.55
N GLU A 144 -21.16 -19.78 -9.34
CA GLU A 144 -19.78 -19.45 -9.70
C GLU A 144 -18.79 -20.25 -8.88
N LEU A 145 -19.06 -20.42 -7.58
CA LEU A 145 -18.15 -21.23 -6.76
C LEU A 145 -18.18 -22.69 -7.19
N ALA A 146 -19.35 -23.22 -7.55
CA ALA A 146 -19.38 -24.58 -8.10
C ALA A 146 -18.63 -24.67 -9.41
N GLY A 147 -18.79 -23.67 -10.28
CA GLY A 147 -18.03 -23.67 -11.51
C GLY A 147 -16.53 -23.64 -11.27
N ALA A 148 -16.09 -22.82 -10.31
CA ALA A 148 -14.67 -22.78 -9.96
C ALA A 148 -14.20 -24.13 -9.41
N HIS A 149 -15.01 -24.75 -8.56
CA HIS A 149 -14.63 -26.05 -8.03
C HIS A 149 -14.56 -27.11 -9.14
N ARG A 150 -15.48 -27.03 -10.09
CA ARG A 150 -15.47 -27.93 -11.24
C ARG A 150 -14.20 -27.79 -12.06
N THR A 151 -13.69 -26.55 -12.22
CA THR A 151 -12.52 -26.27 -13.05
C THR A 151 -11.23 -26.14 -12.26
N ASN A 152 -11.20 -26.64 -11.02
CA ASN A 152 -9.98 -26.69 -10.21
C ASN A 152 -9.41 -25.31 -9.93
N LYS A 153 -10.29 -24.29 -9.77
CA LYS A 153 -9.78 -23.00 -9.36
C LYS A 153 -9.81 -22.88 -7.84
N PRO A 154 -8.87 -22.10 -7.29
CA PRO A 154 -8.81 -21.98 -5.82
C PRO A 154 -10.05 -21.39 -5.16
N CYS A 155 -10.79 -20.49 -5.83
CA CYS A 155 -11.99 -19.94 -5.20
C CYS A 155 -13.06 -21.00 -4.94
N GLY A 156 -13.06 -22.09 -5.70
CA GLY A 156 -13.97 -23.18 -5.44
C GLY A 156 -13.47 -24.21 -4.46
N LYS A 157 -12.30 -23.99 -3.87
CA LYS A 157 -11.64 -24.95 -2.99
C LYS A 157 -11.68 -24.56 -1.51
N CYS A 158 -12.57 -23.66 -1.10
CA CYS A 158 -12.58 -23.20 0.28
C CYS A 158 -13.30 -24.20 1.18
N TYR A 159 -12.70 -24.48 2.35
CA TYR A 159 -13.33 -25.30 3.38
C TYR A 159 -14.15 -24.49 4.36
N PHE A 160 -13.75 -23.23 4.56
CA PHE A 160 -14.40 -22.32 5.49
C PHE A 160 -14.67 -21.00 4.79
N TYR A 161 -15.71 -20.31 5.24
CA TYR A 161 -16.03 -18.99 4.72
C TYR A 161 -16.00 -18.00 5.88
N LEU A 162 -15.26 -16.92 5.68
CA LEU A 162 -15.12 -15.86 6.67
C LEU A 162 -15.98 -14.71 6.21
N LEU A 163 -16.84 -14.24 7.10
CA LEU A 163 -17.73 -13.15 6.75
C LEU A 163 -17.51 -12.08 7.79
N ILE A 164 -17.34 -10.84 7.36
CA ILE A 164 -17.32 -9.71 8.28
C ILE A 164 -18.60 -8.93 8.06
N SER A 165 -19.40 -8.78 9.10
CA SER A 165 -20.72 -8.19 8.97
C SER A 165 -20.83 -6.89 9.74
N LYS A 166 -21.62 -5.97 9.18
CA LYS A 166 -22.07 -4.77 9.88
C LYS A 166 -23.23 -5.12 10.80
N THR A 167 -23.07 -4.87 12.09
CA THR A 167 -24.02 -5.29 13.09
C THR A 167 -24.21 -4.19 14.13
N PHE A 168 -25.23 -4.37 14.97
CA PHE A 168 -25.53 -3.40 16.02
C PHE A 168 -26.32 -4.06 17.12
N VAL A 169 -26.26 -3.45 18.30
CA VAL A 169 -27.02 -3.84 19.48
C VAL A 169 -27.62 -2.57 20.10
N GLU A 170 -28.75 -2.74 20.76
CA GLU A 170 -29.41 -1.61 21.42
C GLU A 170 -28.72 -1.24 22.73
N ALA A 187 -29.94 -10.57 20.81
CA ALA A 187 -29.87 -9.11 20.84
C ALA A 187 -29.02 -8.57 19.68
N LEU A 188 -28.37 -9.47 18.94
CA LEU A 188 -27.46 -9.04 17.88
C LEU A 188 -28.22 -8.89 16.58
N MET A 189 -28.02 -7.75 15.92
CA MET A 189 -28.86 -7.35 14.80
C MET A 189 -27.99 -7.04 13.60
N PHE A 190 -28.47 -7.39 12.41
CA PHE A 190 -27.66 -7.34 11.20
C PHE A 190 -28.19 -6.29 10.22
N ALA A 191 -27.29 -5.47 9.71
CA ALA A 191 -27.67 -4.53 8.65
C ALA A 191 -28.23 -5.28 7.44
N ASN A 192 -27.53 -6.31 6.99
CA ASN A 192 -28.06 -7.24 5.99
C ASN A 192 -28.69 -8.40 6.75
N ALA A 193 -30.02 -8.45 6.76
CA ALA A 193 -30.73 -9.38 7.65
C ALA A 193 -30.40 -10.83 7.35
N GLU A 194 -30.13 -11.15 6.08
CA GLU A 194 -29.83 -12.53 5.70
C GLU A 194 -28.60 -13.06 6.43
N GLU A 195 -27.72 -12.17 6.87
CA GLU A 195 -26.51 -12.60 7.56
C GLU A 195 -26.80 -13.25 8.91
N GLU A 196 -28.07 -13.25 9.32
CA GLU A 196 -28.44 -13.98 10.56
C GLU A 196 -28.23 -15.49 10.30
N PHE A 197 -28.55 -15.97 9.11
CA PHE A 197 -28.44 -17.40 8.84
C PHE A 197 -27.00 -17.86 8.84
N PHE A 198 -26.08 -17.02 8.38
CA PHE A 198 -24.67 -17.37 8.47
C PHE A 198 -24.21 -17.39 9.92
N TYR A 199 -24.62 -16.39 10.71
CA TYR A 199 -24.22 -16.31 12.11
C TYR A 199 -24.69 -17.54 12.89
N GLU A 200 -25.90 -18.02 12.59
CA GLU A 200 -26.42 -19.20 13.27
C GLU A 200 -25.53 -20.41 13.05
N LYS A 201 -24.91 -20.52 11.88
CA LYS A 201 -24.12 -21.69 11.53
C LYS A 201 -22.62 -21.50 11.76
N ALA A 202 -22.20 -20.38 12.33
CA ALA A 202 -20.79 -20.07 12.48
C ALA A 202 -20.16 -20.88 13.59
N ILE A 203 -19.06 -21.57 13.27
CA ILE A 203 -18.36 -22.29 14.34
C ILE A 203 -17.53 -21.36 15.19
N LEU A 204 -17.12 -20.20 14.65
CA LEU A 204 -16.34 -19.21 15.39
C LEU A 204 -16.90 -17.82 15.07
N LYS A 205 -17.21 -17.04 16.10
CA LYS A 205 -17.83 -15.74 15.91
C LYS A 205 -17.47 -14.82 17.06
N PHE A 206 -17.37 -13.53 16.76
CA PHE A 206 -17.15 -12.50 17.77
C PHE A 206 -17.51 -11.16 17.16
N ASN A 207 -17.66 -10.14 18.02
CA ASN A 207 -17.98 -8.79 17.62
C ASN A 207 -16.88 -7.86 18.10
N TYR A 208 -16.70 -6.74 17.38
CA TYR A 208 -15.86 -5.65 17.87
C TYR A 208 -16.55 -4.33 17.56
N SER A 209 -16.30 -3.34 18.41
CA SER A 209 -16.94 -2.05 18.28
C SER A 209 -16.23 -1.19 17.24
N VAL A 210 -17.01 -0.36 16.55
CA VAL A 210 -16.47 0.57 15.57
C VAL A 210 -16.87 1.99 15.96
N GLN A 211 -16.01 2.93 15.61
CA GLN A 211 -16.09 4.28 16.15
C GLN A 211 -16.39 5.35 15.10
N GLU A 212 -16.07 5.11 13.83
CA GLU A 212 -16.50 6.02 12.77
C GLU A 212 -18.01 6.04 12.65
N GLU A 213 -18.66 4.88 12.82
CA GLU A 213 -20.11 4.77 12.89
C GLU A 213 -20.79 5.17 11.59
N SER A 214 -20.08 5.07 10.47
CA SER A 214 -20.57 5.59 9.20
C SER A 214 -21.75 4.77 8.71
N ASP A 215 -22.93 5.40 8.69
CA ASP A 215 -24.08 4.79 8.06
C ASP A 215 -23.91 4.73 6.55
N THR A 216 -24.70 3.86 5.95
CA THR A 216 -24.79 3.70 4.50
C THR A 216 -25.00 5.04 3.79
N CYS A 217 -24.42 5.16 2.59
CA CYS A 217 -24.64 6.33 1.72
C CYS A 217 -25.39 5.84 0.48
N LEU A 218 -26.68 6.12 0.46
CA LEU A 218 -27.65 5.50 -0.42
C LEU A 218 -28.51 6.55 -1.10
N GLY A 219 -27.88 7.70 -1.40
CA GLY A 219 -28.61 8.91 -1.70
C GLY A 219 -29.26 9.45 -0.43
N GLY A 220 -29.01 8.73 0.68
CA GLY A 220 -29.66 9.04 1.93
C GLY A 220 -28.83 9.98 2.78
N LYS A 221 -29.44 11.07 3.22
CA LYS A 221 -28.71 12.10 3.94
C LYS A 221 -28.27 11.62 5.31
N TRP A 222 -29.17 10.97 6.05
CA TRP A 222 -28.87 10.50 7.40
C TRP A 222 -29.78 9.35 7.74
N SER A 223 -29.48 8.68 8.86
CA SER A 223 -30.22 7.54 9.37
C SER A 223 -30.59 7.77 10.83
N PHE A 224 -31.75 7.24 11.25
CA PHE A 224 -32.27 7.49 12.58
C PHE A 224 -32.74 6.20 13.25
N ASP A 225 -32.53 6.12 14.57
CA ASP A 225 -32.98 5.02 15.41
C ASP A 225 -33.79 5.57 16.58
N ASP A 226 -35.00 5.04 16.77
CA ASP A 226 -35.82 5.49 17.91
C ASP A 226 -35.18 5.10 19.24
N VAL A 227 -34.51 3.95 19.30
CA VAL A 227 -33.75 3.53 20.47
C VAL A 227 -32.27 3.64 20.13
N PRO A 228 -31.40 4.10 21.04
CA PRO A 228 -29.99 4.23 20.68
C PRO A 228 -29.36 2.89 20.37
N MET A 229 -28.41 2.90 19.43
CA MET A 229 -27.77 1.68 18.97
C MET A 229 -26.26 1.83 19.03
N THR A 230 -25.59 0.69 19.22
CA THR A 230 -24.13 0.60 19.23
C THR A 230 -23.65 -0.10 17.97
N PRO A 231 -22.89 0.59 17.11
CA PRO A 231 -22.39 -0.04 15.88
C PRO A 231 -21.29 -1.05 16.18
N LEU A 232 -21.31 -2.16 15.45
CA LEU A 232 -20.37 -3.24 15.66
C LEU A 232 -20.02 -3.86 14.33
N ARG A 233 -18.92 -4.61 14.31
CA ARG A 233 -18.60 -5.53 13.23
C ARG A 233 -18.59 -6.92 13.85
N THR A 234 -19.20 -7.88 13.15
CA THR A 234 -19.22 -9.26 13.60
C THR A 234 -18.42 -10.09 12.61
N VAL A 235 -17.43 -10.80 13.13
CA VAL A 235 -16.60 -11.69 12.33
C VAL A 235 -17.08 -13.10 12.56
N MET A 236 -17.33 -13.83 11.50
CA MET A 236 -17.83 -15.19 11.67
C MET A 236 -17.18 -16.12 10.66
N LEU A 237 -16.91 -17.34 11.11
CA LEU A 237 -16.29 -18.37 10.28
C LEU A 237 -17.29 -19.52 10.17
N ILE A 238 -17.66 -19.85 8.93
CA ILE A 238 -18.73 -20.80 8.67
C ILE A 238 -18.14 -21.96 7.87
N PRO A 239 -18.35 -23.20 8.30
CA PRO A 239 -17.87 -24.35 7.52
C PRO A 239 -18.64 -24.50 6.23
N GLY A 240 -17.94 -25.02 5.22
CA GLY A 240 -18.57 -25.16 3.92
C GLY A 240 -19.78 -26.07 3.92
N ASP A 241 -19.76 -27.12 4.75
CA ASP A 241 -20.87 -28.09 4.79
C ASP A 241 -22.19 -27.46 5.25
N LYS A 242 -22.14 -26.35 5.99
CA LYS A 242 -23.34 -25.66 6.42
C LYS A 242 -23.97 -24.75 5.36
N MET A 243 -23.29 -24.51 4.23
CA MET A 243 -23.76 -23.49 3.27
C MET A 243 -25.08 -23.87 2.60
N ASN A 244 -25.26 -25.15 2.26
CA ASN A 244 -26.54 -25.58 1.71
C ASN A 244 -27.70 -25.38 2.68
N GLU A 245 -27.47 -25.51 3.98
CA GLU A 245 -28.54 -25.17 4.92
C GLU A 245 -28.79 -23.67 4.93
N ILE A 246 -27.73 -22.87 4.79
CA ILE A 246 -27.91 -21.42 4.78
C ILE A 246 -28.68 -20.99 3.54
N MET A 247 -28.33 -21.57 2.38
CA MET A 247 -29.02 -21.26 1.13
C MET A 247 -30.50 -21.62 1.24
N ASP A 248 -30.79 -22.71 1.95
CA ASP A 248 -32.18 -23.09 2.11
C ASP A 248 -32.99 -22.08 2.92
N LYS A 249 -32.45 -21.51 4.02
CA LYS A 249 -33.26 -20.46 4.64
C LYS A 249 -33.37 -19.26 3.72
N LEU A 250 -32.29 -18.94 2.99
CA LEU A 250 -32.33 -17.77 2.12
C LEU A 250 -33.51 -17.89 1.19
N LYS A 251 -33.68 -19.07 0.59
CA LYS A 251 -34.83 -19.30 -0.27
C LYS A 251 -36.13 -19.20 0.52
N GLU A 252 -36.14 -19.73 1.75
CA GLU A 252 -37.34 -19.71 2.56
C GLU A 252 -37.80 -18.29 2.88
N TYR A 253 -36.89 -17.42 3.30
CA TYR A 253 -37.30 -16.10 3.78
C TYR A 253 -37.38 -15.05 2.68
N LEU A 254 -36.56 -15.15 1.64
CA LEU A 254 -36.38 -14.08 0.67
C LEU A 254 -37.03 -14.35 -0.67
N SER A 255 -37.65 -15.50 -0.87
CA SER A 255 -38.16 -15.82 -2.19
C SER A 255 -39.29 -14.85 -2.57
N VAL A 256 -39.25 -14.37 -3.81
CA VAL A 256 -40.22 -13.41 -4.33
C VAL A 256 -40.98 -13.99 -5.51
N HIS B 1 31.47 6.18 5.63
CA HIS B 1 32.51 5.74 4.66
C HIS B 1 31.92 5.77 3.25
N HIS B 2 32.78 5.71 2.22
CA HIS B 2 32.30 5.70 0.81
C HIS B 2 32.32 4.26 0.28
N PHE B 3 31.22 3.83 -0.34
CA PHE B 3 31.14 2.48 -0.88
C PHE B 3 31.13 2.51 -2.40
N GLU B 4 31.69 1.45 -2.98
CA GLU B 4 31.74 1.27 -4.42
C GLU B 4 31.33 -0.16 -4.73
N ALA B 5 30.63 -0.34 -5.85
CA ALA B 5 30.17 -1.65 -6.29
C ALA B 5 31.00 -2.11 -7.48
N TYR B 6 31.51 -3.33 -7.41
CA TYR B 6 32.35 -3.89 -8.45
C TYR B 6 31.78 -5.23 -8.91
N SER B 7 32.16 -5.62 -10.12
CA SER B 7 31.85 -6.94 -10.58
C SER B 7 32.59 -7.97 -9.75
N LEU B 8 32.02 -9.17 -9.68
CA LEU B 8 32.65 -10.24 -8.93
C LEU B 8 33.96 -10.65 -9.57
N SER B 9 34.98 -10.88 -8.74
CA SER B 9 36.32 -11.26 -9.18
C SER B 9 36.79 -12.40 -8.30
N ASP B 10 37.78 -13.17 -8.76
CA ASP B 10 38.22 -14.31 -7.96
C ASP B 10 38.77 -13.87 -6.60
N ASN B 11 39.27 -12.63 -6.53
CA ASN B 11 39.84 -12.09 -5.31
C ASN B 11 38.82 -12.04 -4.18
N ASP B 12 37.52 -11.99 -4.52
CA ASP B 12 36.46 -11.86 -3.55
C ASP B 12 35.96 -13.19 -3.00
N TYR B 13 36.63 -14.30 -3.33
CA TYR B 13 36.13 -15.62 -2.94
C TYR B 13 35.97 -15.73 -1.43
N ASP B 14 37.00 -15.31 -0.67
CA ASP B 14 36.98 -15.47 0.78
C ASP B 14 35.85 -14.66 1.42
N GLY B 15 35.70 -13.41 1.00
CA GLY B 15 34.68 -12.55 1.60
C GLY B 15 33.27 -13.02 1.29
N ILE B 16 33.00 -13.41 0.04
CA ILE B 16 31.68 -13.91 -0.32
C ILE B 16 31.38 -15.21 0.43
N LYS B 17 32.36 -16.11 0.49
CA LYS B 17 32.12 -17.39 1.13
C LYS B 17 31.72 -17.18 2.59
N LYS B 18 32.41 -16.29 3.30
CA LYS B 18 32.11 -16.14 4.71
C LYS B 18 30.72 -15.50 4.92
N LEU B 19 30.25 -14.73 3.94
CA LEU B 19 28.88 -14.21 4.02
C LEU B 19 27.86 -15.33 3.79
N LEU B 20 28.14 -16.21 2.84
CA LEU B 20 27.25 -17.34 2.62
C LEU B 20 27.27 -18.23 3.86
N GLN B 21 28.46 -18.42 4.46
CA GLN B 21 28.73 -19.09 5.75
C GLN B 21 27.75 -18.51 6.80
N GLN B 22 27.55 -17.20 6.78
CA GLN B 22 26.68 -16.55 7.74
C GLN B 22 25.24 -16.91 7.51
N LEU B 23 24.87 -17.09 6.25
CA LEU B 23 23.49 -17.38 5.90
C LEU B 23 23.13 -18.84 6.15
N PHE B 24 24.01 -19.73 5.74
CA PHE B 24 23.72 -21.16 5.82
C PHE B 24 24.22 -21.81 7.11
N LEU B 25 25.15 -21.14 7.78
CA LEU B 25 25.64 -21.60 9.07
C LEU B 25 26.28 -22.99 9.03
N LYS B 26 25.58 -23.99 9.57
CA LYS B 26 26.12 -25.33 9.62
C LYS B 26 25.35 -26.29 8.72
N ALA B 27 24.46 -25.74 7.92
CA ALA B 27 23.71 -26.53 6.97
C ALA B 27 24.65 -27.22 5.99
N PRO B 28 24.16 -28.39 5.41
CA PRO B 28 25.10 -29.02 4.48
C PRO B 28 24.99 -28.46 3.06
N VAL B 29 25.66 -27.33 2.84
CA VAL B 29 25.68 -26.67 1.53
C VAL B 29 27.13 -26.40 1.16
N ASN B 30 27.51 -26.77 -0.06
CA ASN B 30 28.88 -26.59 -0.52
C ASN B 30 29.01 -25.11 -0.86
N THR B 31 29.38 -24.32 0.15
CA THR B 31 29.51 -22.87 -0.04
C THR B 31 30.69 -22.51 -0.93
N ALA B 32 31.74 -23.33 -0.95
CA ALA B 32 32.87 -23.08 -1.84
C ALA B 32 32.47 -23.16 -3.31
N GLU B 33 31.75 -24.23 -3.67
CA GLU B 33 31.27 -24.34 -5.05
C GLU B 33 30.31 -23.22 -5.40
N LEU B 34 29.41 -22.89 -4.47
CA LEU B 34 28.46 -21.82 -4.70
C LEU B 34 29.17 -20.51 -4.95
N THR B 35 30.22 -20.22 -4.18
CA THR B 35 31.01 -19.02 -4.42
C THR B 35 31.70 -19.06 -5.77
N ASP B 36 32.27 -20.20 -6.15
CA ASP B 36 32.90 -20.32 -7.47
C ASP B 36 31.91 -20.09 -8.59
N LEU B 37 30.69 -20.64 -8.46
CA LEU B 37 29.66 -20.45 -9.48
C LEU B 37 29.28 -18.99 -9.64
N LEU B 38 29.12 -18.28 -8.53
CA LEU B 38 28.73 -16.87 -8.60
C LEU B 38 29.78 -16.03 -9.31
N ILE B 39 31.05 -16.25 -8.99
CA ILE B 39 32.13 -15.46 -9.60
C ILE B 39 32.23 -15.74 -11.09
N GLN B 40 32.10 -17.01 -11.51
CA GLN B 40 32.17 -17.36 -12.92
C GLN B 40 31.07 -16.68 -13.72
N GLN B 41 29.98 -16.29 -13.09
CA GLN B 41 28.93 -15.59 -13.80
C GLN B 41 29.39 -14.19 -14.16
N ASN B 42 29.33 -13.87 -15.46
CA ASN B 42 29.80 -12.59 -15.97
C ASN B 42 28.58 -11.74 -16.27
N HIS B 43 28.66 -10.46 -15.90
CA HIS B 43 27.62 -9.46 -16.10
C HIS B 43 26.45 -9.62 -15.15
N ILE B 44 26.52 -10.56 -14.19
CA ILE B 44 25.51 -10.71 -13.16
C ILE B 44 26.17 -10.65 -11.79
N GLY B 45 25.68 -9.78 -10.93
CA GLY B 45 26.23 -9.79 -9.60
C GLY B 45 27.20 -8.65 -9.38
N SER B 46 27.27 -8.21 -8.12
CA SER B 46 28.16 -7.14 -7.73
C SER B 46 28.69 -7.42 -6.34
N VAL B 47 29.85 -6.87 -6.06
CA VAL B 47 30.46 -6.86 -4.74
C VAL B 47 30.60 -5.42 -4.29
N ILE B 48 30.39 -5.17 -3.00
CA ILE B 48 30.48 -3.83 -2.42
C ILE B 48 31.80 -3.74 -1.67
N LYS B 49 32.60 -2.71 -1.98
CA LYS B 49 33.83 -2.45 -1.26
C LYS B 49 33.87 -0.99 -0.84
N GLN B 50 34.43 -0.73 0.34
CA GLN B 50 34.68 0.64 0.77
C GLN B 50 35.86 1.20 -0.03
N THR B 51 35.76 2.47 -0.38
CA THR B 51 36.85 3.13 -1.09
C THR B 51 37.37 4.31 -0.27
N ASP B 62 42.23 -4.71 3.39
CA ASP B 62 41.78 -3.33 3.31
C ASP B 62 40.66 -3.19 2.28
N GLU B 63 41.00 -2.67 1.10
CA GLU B 63 40.04 -2.59 0.01
C GLU B 63 39.63 -3.97 -0.52
N ASP B 64 40.40 -5.01 -0.20
CA ASP B 64 40.06 -6.36 -0.66
C ASP B 64 38.76 -6.85 -0.03
N GLU B 65 38.58 -6.57 1.26
CA GLU B 65 37.45 -6.91 2.11
C GLU B 65 36.10 -6.70 1.44
N VAL B 66 35.27 -7.73 1.50
CA VAL B 66 33.96 -7.76 0.84
C VAL B 66 32.89 -7.33 1.83
N PHE B 67 32.35 -6.12 1.66
CA PHE B 67 31.31 -5.66 2.57
C PHE B 67 29.97 -6.34 2.29
N GLY B 68 29.68 -6.60 1.02
CA GLY B 68 28.41 -7.22 0.68
C GLY B 68 28.44 -7.68 -0.76
N PHE B 69 27.46 -8.51 -1.11
CA PHE B 69 27.32 -8.93 -2.50
C PHE B 69 25.86 -9.18 -2.82
N ILE B 70 25.55 -9.09 -4.11
CA ILE B 70 24.24 -9.44 -4.63
C ILE B 70 24.43 -10.22 -5.91
N SER B 71 23.64 -11.28 -6.07
CA SER B 71 23.69 -12.05 -7.30
C SER B 71 22.42 -12.88 -7.38
N LEU B 72 22.25 -13.52 -8.51
CA LEU B 72 21.12 -14.40 -8.81
C LEU B 72 21.64 -15.69 -9.43
N LEU B 73 21.04 -16.83 -9.06
CA LEU B 73 21.33 -18.11 -9.68
C LEU B 73 20.04 -18.72 -10.20
N ASN B 74 20.01 -19.15 -11.45
CA ASN B 74 18.82 -19.83 -11.98
C ASN B 74 18.88 -21.27 -11.50
N LEU B 75 18.04 -21.59 -10.50
CA LEU B 75 18.12 -22.91 -9.89
C LEU B 75 17.70 -24.00 -10.85
N THR B 76 16.68 -23.71 -11.65
CA THR B 76 16.14 -24.73 -12.55
C THR B 76 17.09 -25.02 -13.71
N GLU B 77 17.78 -23.99 -14.20
CA GLU B 77 18.80 -24.23 -15.23
C GLU B 77 19.96 -25.04 -14.69
N ARG B 78 20.31 -24.85 -13.42
CA ARG B 78 21.45 -25.53 -12.83
C ARG B 78 21.06 -26.81 -12.06
N LYS B 79 19.83 -27.29 -12.24
CA LYS B 79 19.39 -28.55 -11.64
C LYS B 79 20.43 -29.63 -11.83
N GLY B 80 20.81 -30.29 -10.74
CA GLY B 80 21.86 -31.29 -10.76
C GLY B 80 23.19 -30.83 -10.20
N THR B 81 23.36 -29.54 -9.94
CA THR B 81 24.57 -29.02 -9.31
C THR B 81 24.53 -29.32 -7.84
N GLN B 82 25.68 -29.67 -7.27
CA GLN B 82 25.68 -30.11 -5.88
C GLN B 82 25.12 -29.04 -4.94
N CYS B 83 25.61 -27.80 -5.06
CA CYS B 83 25.10 -26.79 -4.12
C CYS B 83 23.63 -26.47 -4.38
N VAL B 84 23.20 -26.54 -5.64
CA VAL B 84 21.80 -26.28 -5.97
C VAL B 84 20.90 -27.35 -5.37
N GLU B 85 21.29 -28.61 -5.50
CA GLU B 85 20.51 -29.69 -4.88
C GLU B 85 20.52 -29.54 -3.37
N GLN B 86 21.67 -29.18 -2.80
CA GLN B 86 21.75 -29.01 -1.35
C GLN B 86 20.86 -27.88 -0.86
N ILE B 87 20.86 -26.76 -1.56
CA ILE B 87 20.00 -25.67 -1.15
C ILE B 87 18.54 -26.08 -1.28
N GLN B 88 18.18 -26.74 -2.39
CA GLN B 88 16.79 -27.14 -2.57
C GLN B 88 16.38 -28.14 -1.50
N GLU B 89 17.27 -29.05 -1.15
CA GLU B 89 16.99 -29.96 -0.06
C GLU B 89 16.84 -29.20 1.26
N LEU B 90 17.70 -28.20 1.47
CA LEU B 90 17.61 -27.41 2.70
C LEU B 90 16.23 -26.80 2.88
N VAL B 91 15.72 -26.10 1.85
CA VAL B 91 14.46 -25.38 2.00
C VAL B 91 13.30 -26.35 2.12
N LEU B 92 13.36 -27.50 1.43
CA LEU B 92 12.31 -28.50 1.55
C LEU B 92 12.31 -29.12 2.95
N ARG B 93 13.51 -29.41 3.48
CA ARG B 93 13.62 -29.99 4.82
C ARG B 93 13.07 -29.05 5.87
N PHE B 94 13.37 -27.76 5.76
CA PHE B 94 12.82 -26.80 6.72
C PHE B 94 11.35 -26.52 6.45
N CYS B 95 10.90 -26.59 5.20
CA CYS B 95 9.46 -26.51 4.94
C CYS B 95 8.70 -27.64 5.64
N GLU B 96 9.18 -28.88 5.52
CA GLU B 96 8.45 -29.97 6.15
C GLU B 96 8.51 -29.89 7.68
N LYS B 97 9.61 -29.37 8.23
CA LYS B 97 9.67 -29.14 9.67
C LYS B 97 8.75 -28.04 10.15
N ASN B 98 8.26 -27.17 9.29
CA ASN B 98 7.49 -26.04 9.79
C ASN B 98 6.17 -25.84 9.05
N CYS B 99 5.81 -26.68 8.09
CA CYS B 99 4.66 -26.37 7.26
C CYS B 99 3.89 -27.64 6.93
N GLU B 100 2.66 -27.46 6.50
CA GLU B 100 1.84 -28.58 6.08
C GLU B 100 2.33 -29.18 4.77
N LYS B 101 2.03 -30.46 4.59
CA LYS B 101 2.55 -31.19 3.44
C LYS B 101 2.07 -30.58 2.12
N SER B 102 0.90 -29.94 2.13
CA SER B 102 0.41 -29.22 0.96
C SER B 102 1.34 -28.09 0.57
N MET B 103 1.87 -27.36 1.55
CA MET B 103 2.81 -26.30 1.22
C MET B 103 4.12 -26.90 0.73
N VAL B 104 4.54 -28.02 1.32
CA VAL B 104 5.76 -28.69 0.89
C VAL B 104 5.63 -29.18 -0.54
N GLU B 105 4.48 -29.76 -0.89
N GLU B 105 4.47 -29.75 -0.89
CA GLU B 105 4.29 -30.26 -2.25
CA GLU B 105 4.27 -30.25 -2.24
C GLU B 105 4.31 -29.12 -3.27
C GLU B 105 4.31 -29.12 -3.27
N GLN B 106 3.63 -28.01 -2.99
CA GLN B 106 3.60 -26.94 -3.97
C GLN B 106 4.95 -26.26 -4.08
N LEU B 107 5.69 -26.14 -2.98
CA LEU B 107 7.08 -25.70 -3.08
C LEU B 107 7.89 -26.65 -3.94
N ASP B 108 7.73 -27.96 -3.74
CA ASP B 108 8.46 -28.91 -4.57
C ASP B 108 8.09 -28.78 -6.04
N LYS B 109 6.80 -28.54 -6.33
CA LYS B 109 6.40 -28.35 -7.71
C LYS B 109 7.05 -27.11 -8.31
N PHE B 110 7.12 -26.02 -7.53
CA PHE B 110 7.72 -24.79 -8.03
C PHE B 110 9.18 -24.98 -8.40
N LEU B 111 9.92 -25.74 -7.59
CA LEU B 111 11.35 -25.91 -7.82
C LEU B 111 11.65 -26.81 -9.00
N ASN B 112 10.70 -27.65 -9.43
CA ASN B 112 10.92 -28.57 -10.54
C ASN B 112 10.15 -28.20 -11.80
N ASP B 113 9.56 -27.02 -11.87
CA ASP B 113 8.80 -26.61 -13.04
C ASP B 113 9.75 -25.98 -14.05
N THR B 114 10.17 -26.76 -15.05
CA THR B 114 11.10 -26.28 -16.06
C THR B 114 10.54 -25.11 -16.86
N THR B 115 9.22 -25.05 -17.03
CA THR B 115 8.63 -23.91 -17.75
C THR B 115 8.76 -22.61 -16.97
N LYS B 116 8.69 -22.66 -15.64
CA LYS B 116 8.76 -21.46 -14.80
C LYS B 116 9.98 -21.55 -13.90
N PRO B 117 11.15 -21.19 -14.40
CA PRO B 117 12.39 -21.35 -13.61
C PRO B 117 12.37 -20.48 -12.37
N VAL B 118 13.08 -20.95 -11.35
CA VAL B 118 13.23 -20.25 -10.09
C VAL B 118 14.65 -19.72 -9.96
N GLY B 119 14.78 -18.45 -9.62
CA GLY B 119 16.08 -17.83 -9.42
C GLY B 119 16.32 -17.64 -7.93
N LEU B 120 17.45 -18.15 -7.46
CA LEU B 120 17.87 -17.90 -6.08
C LEU B 120 18.51 -16.53 -6.03
N LEU B 121 17.94 -15.63 -5.23
CA LEU B 121 18.46 -14.28 -5.06
C LEU B 121 19.30 -14.24 -3.79
N LEU B 122 20.58 -13.96 -3.93
CA LEU B 122 21.49 -13.91 -2.79
C LEU B 122 21.94 -12.47 -2.61
N SER B 123 21.55 -11.87 -1.50
CA SER B 123 21.88 -10.48 -1.18
C SER B 123 22.33 -10.48 0.28
N GLU B 124 23.64 -10.42 0.51
CA GLU B 124 24.18 -10.50 1.85
C GLU B 124 25.09 -9.31 2.10
N ARG B 125 25.00 -8.71 3.29
CA ARG B 125 25.87 -7.60 3.63
C ARG B 125 26.01 -7.51 5.14
N PHE B 126 27.08 -6.83 5.57
CA PHE B 126 27.31 -6.54 6.97
C PHE B 126 26.41 -5.38 7.42
N ILE B 127 26.21 -5.31 8.73
CA ILE B 127 25.22 -4.41 9.33
C ILE B 127 25.58 -2.94 9.11
N ASN B 128 26.89 -2.67 9.01
CA ASN B 128 27.39 -1.27 8.93
C ASN B 128 26.84 -0.53 7.72
N VAL B 129 26.73 -1.20 6.57
CA VAL B 129 26.30 -0.47 5.35
C VAL B 129 24.91 0.09 5.64
N PRO B 130 24.64 1.37 5.31
CA PRO B 130 23.30 1.95 5.51
C PRO B 130 22.29 1.19 4.64
N PRO B 131 21.08 0.89 5.14
CA PRO B 131 20.11 0.10 4.38
C PRO B 131 19.83 0.74 3.01
N GLN B 132 20.02 2.06 2.91
CA GLN B 132 19.70 2.78 1.67
C GLN B 132 20.50 2.31 0.47
N ILE B 133 21.63 1.61 0.69
CA ILE B 133 22.42 1.10 -0.43
C ILE B 133 21.67 0.04 -1.24
N ALA B 134 20.61 -0.55 -0.67
CA ALA B 134 19.90 -1.63 -1.37
C ALA B 134 19.29 -1.15 -2.67
N LEU B 135 18.82 0.09 -2.71
CA LEU B 135 18.19 0.59 -3.93
C LEU B 135 19.14 0.65 -5.11
N PRO B 136 20.32 1.29 -5.03
CA PRO B 136 21.26 1.19 -6.16
C PRO B 136 21.69 -0.24 -6.42
N MET B 137 21.88 -1.00 -5.35
CA MET B 137 22.29 -2.38 -5.50
C MET B 137 21.25 -3.17 -6.29
N TYR B 138 19.98 -3.03 -5.92
CA TYR B 138 18.93 -3.73 -6.64
C TYR B 138 18.69 -3.12 -8.02
N GLN B 139 18.83 -1.80 -8.16
CA GLN B 139 18.70 -1.21 -9.48
C GLN B 139 19.74 -1.79 -10.43
N GLN B 140 20.98 -1.92 -9.97
CA GLN B 140 22.03 -2.50 -10.81
C GLN B 140 21.70 -3.94 -11.20
N LEU B 141 21.22 -4.75 -10.24
CA LEU B 141 20.85 -6.13 -10.56
C LEU B 141 19.69 -6.16 -11.55
N GLN B 142 18.73 -5.23 -11.41
CA GLN B 142 17.62 -5.19 -12.35
C GLN B 142 18.09 -4.93 -13.77
N LYS B 143 19.04 -4.00 -13.95
CA LYS B 143 19.57 -3.76 -15.28
C LYS B 143 20.25 -5.00 -15.82
N GLU B 144 21.06 -5.66 -14.98
CA GLU B 144 21.77 -6.85 -15.42
C GLU B 144 20.80 -7.97 -15.78
N LEU B 145 19.73 -8.14 -15.02
CA LEU B 145 18.75 -9.17 -15.34
C LEU B 145 17.98 -8.82 -16.62
N ALA B 146 17.64 -7.54 -16.81
CA ALA B 146 16.98 -7.14 -18.04
C ALA B 146 17.86 -7.42 -19.24
N GLY B 147 19.17 -7.15 -19.11
CA GLY B 147 20.11 -7.51 -20.17
C GLY B 147 20.17 -9.00 -20.46
N ALA B 148 20.20 -9.82 -19.40
CA ALA B 148 20.18 -11.27 -19.60
C ALA B 148 18.92 -11.69 -20.34
N HIS B 149 17.78 -11.08 -19.99
CA HIS B 149 16.54 -11.39 -20.71
C HIS B 149 16.54 -10.85 -22.15
N ARG B 150 17.09 -9.64 -22.41
CA ARG B 150 17.27 -9.24 -23.82
C ARG B 150 18.13 -10.24 -24.56
N THR B 151 19.21 -10.69 -23.94
CA THR B 151 20.19 -11.49 -24.64
C THR B 151 19.97 -12.97 -24.41
N ASN B 152 18.83 -13.35 -23.85
CA ASN B 152 18.40 -14.74 -23.92
C ASN B 152 19.31 -15.72 -23.18
N LYS B 153 19.84 -15.24 -21.96
CA LYS B 153 20.68 -15.77 -20.88
C LYS B 153 19.82 -16.41 -19.78
N PRO B 154 20.30 -17.46 -19.10
CA PRO B 154 19.44 -18.16 -18.13
C PRO B 154 19.02 -17.29 -16.95
N CYS B 155 19.88 -16.37 -16.52
CA CYS B 155 19.56 -15.53 -15.37
C CYS B 155 18.38 -14.60 -15.62
N GLY B 156 18.10 -14.27 -16.87
CA GLY B 156 16.94 -13.49 -17.26
C GLY B 156 15.67 -14.27 -17.53
N LYS B 157 15.69 -15.59 -17.28
CA LYS B 157 14.62 -16.55 -17.60
C LYS B 157 13.71 -16.85 -16.41
N CYS B 158 13.87 -16.18 -15.27
CA CYS B 158 13.19 -16.62 -14.05
C CYS B 158 11.75 -16.13 -13.97
N TYR B 159 10.84 -17.04 -13.64
CA TYR B 159 9.45 -16.67 -13.34
C TYR B 159 9.25 -16.37 -11.87
N PHE B 160 10.05 -16.98 -10.99
CA PHE B 160 9.93 -16.80 -9.55
C PHE B 160 11.31 -16.51 -8.97
N TYR B 161 11.33 -15.82 -7.85
CA TYR B 161 12.59 -15.55 -7.15
C TYR B 161 12.51 -16.11 -5.75
N LEU B 162 13.52 -16.90 -5.38
CA LEU B 162 13.61 -17.50 -4.06
C LEU B 162 14.63 -16.73 -3.25
N LEU B 163 14.22 -16.30 -2.07
CA LEU B 163 15.08 -15.54 -1.18
C LEU B 163 15.10 -16.25 0.15
N ILE B 164 16.30 -16.44 0.71
CA ILE B 164 16.47 -16.90 2.08
C ILE B 164 17.05 -15.74 2.87
N SER B 165 16.32 -15.24 3.85
CA SER B 165 16.68 -14.02 4.55
C SER B 165 17.00 -14.32 6.00
N LYS B 166 17.95 -13.55 6.55
CA LYS B 166 18.18 -13.55 7.99
C LYS B 166 17.11 -12.69 8.65
N THR B 167 16.38 -13.28 9.60
CA THR B 167 15.26 -12.62 10.23
C THR B 167 15.35 -12.91 11.73
N PHE B 168 14.54 -12.18 12.49
CA PHE B 168 14.48 -12.34 13.94
C PHE B 168 13.17 -11.75 14.43
N VAL B 169 12.78 -12.16 15.63
CA VAL B 169 11.62 -11.58 16.31
C VAL B 169 12.01 -11.26 17.73
N GLU B 170 11.33 -10.26 18.31
CA GLU B 170 11.38 -9.97 19.75
C GLU B 170 11.49 -11.22 20.61
N ALA B 187 5.22 -9.25 13.62
CA ALA B 187 6.39 -8.83 14.40
C ALA B 187 7.70 -9.34 13.78
N LEU B 188 7.62 -9.84 12.54
CA LEU B 188 8.81 -10.35 11.86
C LEU B 188 9.74 -9.20 11.46
N MET B 189 11.03 -9.41 11.70
CA MET B 189 12.09 -8.42 11.55
C MET B 189 13.15 -8.93 10.59
N PHE B 190 13.62 -8.05 9.73
CA PHE B 190 14.55 -8.42 8.67
C PHE B 190 15.91 -7.78 8.93
N ALA B 191 16.97 -8.59 8.87
CA ALA B 191 18.31 -8.05 8.96
C ALA B 191 18.57 -7.06 7.83
N ASN B 192 18.23 -7.42 6.60
CA ASN B 192 18.21 -6.51 5.47
C ASN B 192 16.80 -5.95 5.38
N ALA B 193 16.62 -4.68 5.81
CA ALA B 193 15.27 -4.17 6.03
C ALA B 193 14.44 -4.15 4.76
N GLU B 194 15.08 -3.97 3.61
CA GLU B 194 14.35 -3.96 2.34
C GLU B 194 13.63 -5.28 2.05
N GLU B 195 14.11 -6.40 2.60
CA GLU B 195 13.52 -7.68 2.22
C GLU B 195 12.09 -7.80 2.71
N GLU B 196 11.71 -6.97 3.65
CA GLU B 196 10.31 -6.79 4.02
C GLU B 196 9.42 -6.50 2.82
N PHE B 197 9.89 -5.65 1.90
CA PHE B 197 9.10 -5.38 0.71
C PHE B 197 8.98 -6.63 -0.15
N PHE B 198 10.01 -7.49 -0.19
CA PHE B 198 9.90 -8.79 -0.86
C PHE B 198 8.94 -9.70 -0.12
N TYR B 199 9.03 -9.72 1.22
CA TYR B 199 8.19 -10.60 2.01
C TYR B 199 6.70 -10.34 1.77
N GLU B 200 6.32 -9.08 1.63
CA GLU B 200 4.91 -8.75 1.41
C GLU B 200 4.38 -9.35 0.12
N LYS B 201 5.22 -9.49 -0.91
CA LYS B 201 4.77 -9.99 -2.20
C LYS B 201 4.99 -11.49 -2.37
N ALA B 202 5.47 -12.18 -1.33
CA ALA B 202 5.81 -13.58 -1.47
C ALA B 202 4.53 -14.41 -1.48
N ILE B 203 4.37 -15.24 -2.53
CA ILE B 203 3.20 -16.10 -2.61
C ILE B 203 3.37 -17.32 -1.71
N LEU B 204 4.60 -17.70 -1.40
CA LEU B 204 4.87 -18.82 -0.51
C LEU B 204 5.98 -18.38 0.44
N LYS B 205 5.76 -18.55 1.74
CA LYS B 205 6.73 -18.05 2.70
C LYS B 205 6.65 -18.85 3.99
N PHE B 206 7.80 -19.03 4.64
CA PHE B 206 7.83 -19.66 5.95
C PHE B 206 9.14 -19.32 6.63
N ASN B 207 9.17 -19.57 7.93
CA ASN B 207 10.34 -19.32 8.76
C ASN B 207 10.84 -20.62 9.36
N TYR B 208 12.15 -20.67 9.60
CA TYR B 208 12.70 -21.76 10.38
C TYR B 208 13.70 -21.20 11.36
N SER B 209 13.93 -21.99 12.41
CA SER B 209 14.81 -21.60 13.54
C SER B 209 16.29 -21.85 13.27
N VAL B 210 17.16 -20.94 13.73
CA VAL B 210 18.63 -21.16 13.61
C VAL B 210 19.28 -20.98 14.98
N GLN B 211 20.00 -21.99 15.47
CA GLN B 211 20.70 -21.92 16.79
C GLN B 211 21.90 -20.98 16.79
N GLU B 212 22.73 -20.97 15.74
CA GLU B 212 24.02 -20.23 15.76
C GLU B 212 23.88 -18.71 15.93
N GLU B 213 22.97 -18.06 15.20
CA GLU B 213 22.74 -16.59 15.34
C GLU B 213 24.07 -15.84 15.17
N SER B 214 24.85 -16.14 14.12
CA SER B 214 26.19 -15.51 13.94
C SER B 214 26.08 -13.99 13.80
N ASP B 215 26.98 -13.25 14.47
CA ASP B 215 26.97 -11.76 14.42
C ASP B 215 27.28 -11.28 13.00
N THR B 216 26.51 -10.32 12.48
CA THR B 216 26.67 -9.90 11.06
C THR B 216 27.46 -8.59 10.94
N CYS B 217 28.08 -8.09 12.01
CA CYS B 217 28.93 -6.87 11.88
C CYS B 217 30.28 -7.24 11.27
N LEU B 218 30.92 -6.32 10.52
CA LEU B 218 32.27 -6.60 9.98
C LEU B 218 33.27 -6.62 11.13
N GLY B 219 34.13 -7.65 11.18
CA GLY B 219 35.09 -7.78 12.29
C GLY B 219 34.41 -7.93 13.63
N GLY B 220 33.19 -8.49 13.65
CA GLY B 220 32.45 -8.59 14.91
C GLY B 220 32.36 -10.03 15.40
N LYS B 221 32.97 -10.33 16.55
CA LYS B 221 32.92 -11.69 17.13
C LYS B 221 31.48 -12.01 17.56
N TRP B 222 30.81 -11.06 18.22
CA TRP B 222 29.43 -11.28 18.72
C TRP B 222 28.69 -9.95 18.90
N SER B 223 27.37 -9.98 18.94
N SER B 223 27.32 -9.98 19.03
CA SER B 223 26.55 -8.75 19.11
CA SER B 223 26.51 -8.75 19.20
C SER B 223 25.60 -8.95 20.29
C SER B 223 25.55 -8.95 20.37
N PHE B 224 25.23 -7.87 20.99
CA PHE B 224 24.37 -8.03 22.16
C PHE B 224 23.25 -7.00 22.13
N ASP B 225 22.03 -7.46 22.44
CA ASP B 225 20.86 -6.53 22.51
C ASP B 225 20.19 -6.70 23.87
N ASP B 226 19.83 -5.59 24.52
CA ASP B 226 19.13 -5.66 25.83
C ASP B 226 17.79 -6.37 25.63
N VAL B 227 17.09 -6.04 24.54
CA VAL B 227 15.80 -6.72 24.21
C VAL B 227 16.14 -8.10 23.64
N PRO B 228 15.52 -9.25 24.06
CA PRO B 228 15.94 -10.51 23.48
C PRO B 228 15.37 -10.70 22.09
N MET B 229 16.19 -11.26 21.20
CA MET B 229 15.81 -11.58 19.84
C MET B 229 15.89 -13.09 19.62
N THR B 230 14.92 -13.63 18.86
CA THR B 230 15.00 -15.00 18.39
C THR B 230 15.47 -15.01 16.94
N PRO B 231 16.65 -15.55 16.62
CA PRO B 231 17.11 -15.58 15.22
C PRO B 231 16.30 -16.58 14.40
N LEU B 232 16.09 -16.22 13.14
CA LEU B 232 15.29 -17.05 12.26
C LEU B 232 15.85 -16.92 10.85
N ARG B 233 15.46 -17.86 10.01
CA ARG B 233 15.66 -17.76 8.56
C ARG B 233 14.27 -17.77 7.95
N THR B 234 14.03 -16.88 7.01
CA THR B 234 12.75 -16.80 6.33
C THR B 234 12.99 -17.15 4.88
N VAL B 235 12.26 -18.14 4.38
CA VAL B 235 12.35 -18.56 3.00
C VAL B 235 11.14 -17.99 2.30
N MET B 236 11.33 -17.36 1.15
CA MET B 236 10.16 -16.75 0.54
C MET B 236 10.26 -16.87 -0.98
N LEU B 237 9.12 -17.09 -1.64
CA LEU B 237 9.05 -17.24 -3.08
C LEU B 237 8.20 -16.13 -3.68
N ILE B 238 8.78 -15.35 -4.59
CA ILE B 238 8.17 -14.12 -5.09
C ILE B 238 7.99 -14.24 -6.60
N PRO B 239 6.80 -13.97 -7.15
CA PRO B 239 6.64 -14.01 -8.61
C PRO B 239 7.41 -12.86 -9.29
N GLY B 240 7.95 -13.15 -10.47
CA GLY B 240 8.79 -12.17 -11.16
C GLY B 240 8.05 -10.89 -11.52
N ASP B 241 6.78 -11.00 -11.88
CA ASP B 241 5.99 -9.83 -12.28
C ASP B 241 5.76 -8.84 -11.14
N LYS B 242 5.86 -9.25 -9.89
CA LYS B 242 5.76 -8.32 -8.77
C LYS B 242 7.05 -7.54 -8.51
N MET B 243 8.14 -7.85 -9.21
CA MET B 243 9.43 -7.23 -8.89
C MET B 243 9.40 -5.72 -9.10
N ASN B 244 8.72 -5.25 -10.16
CA ASN B 244 8.66 -3.81 -10.41
C ASN B 244 7.95 -3.07 -9.28
N GLU B 245 6.87 -3.65 -8.74
CA GLU B 245 6.20 -3.03 -7.60
C GLU B 245 7.14 -2.95 -6.41
N ILE B 246 7.94 -3.99 -6.19
CA ILE B 246 8.94 -3.93 -5.12
C ILE B 246 9.99 -2.88 -5.42
N MET B 247 10.44 -2.80 -6.68
CA MET B 247 11.41 -1.78 -7.05
C MET B 247 10.86 -0.38 -6.81
N ASP B 248 9.61 -0.16 -7.17
CA ASP B 248 9.00 1.14 -6.92
C ASP B 248 8.90 1.41 -5.43
N LYS B 249 8.50 0.40 -4.64
CA LYS B 249 8.49 0.59 -3.21
C LYS B 249 9.91 0.90 -2.72
N LEU B 250 10.91 0.32 -3.37
CA LEU B 250 12.30 0.56 -2.89
C LEU B 250 12.59 2.05 -3.01
N LYS B 251 12.23 2.67 -4.12
CA LYS B 251 12.58 4.11 -4.33
C LYS B 251 11.93 5.02 -3.29
N GLU B 252 10.67 4.79 -2.92
CA GLU B 252 9.96 5.70 -1.99
C GLU B 252 10.63 5.69 -0.61
N TYR B 253 10.93 4.52 -0.06
CA TYR B 253 11.50 4.37 1.25
C TYR B 253 13.02 4.43 1.26
N LEU B 254 13.71 4.10 0.15
CA LEU B 254 15.17 3.93 0.14
C LEU B 254 16.00 5.01 -0.56
N SER B 255 15.40 5.95 -1.30
CA SER B 255 16.23 6.89 -2.06
C SER B 255 16.97 7.87 -1.15
N VAL B 256 18.22 8.13 -1.50
CA VAL B 256 19.09 9.08 -0.84
C VAL B 256 19.45 10.13 -1.87
N HIS C 1 8.11 45.92 -0.09
CA HIS C 1 6.91 45.81 0.72
C HIS C 1 7.15 44.93 1.95
N HIS C 2 6.43 45.21 3.02
CA HIS C 2 6.54 44.46 4.27
C HIS C 2 5.30 43.59 4.45
N PHE C 3 5.52 42.36 4.91
CA PHE C 3 4.46 41.38 5.06
C PHE C 3 4.46 40.84 6.47
N GLU C 4 3.29 40.41 6.93
CA GLU C 4 3.13 39.78 8.24
C GLU C 4 2.34 38.49 8.10
N ALA C 5 2.68 37.50 8.93
CA ALA C 5 1.98 36.23 8.96
C ALA C 5 1.15 36.15 10.23
N TYR C 6 -0.14 35.83 10.08
CA TYR C 6 -1.06 35.71 11.19
C TYR C 6 -1.71 34.33 11.16
N SER C 7 -2.23 33.92 12.30
CA SER C 7 -3.02 32.70 12.32
C SER C 7 -4.29 32.91 11.49
N LEU C 8 -4.82 31.81 10.96
CA LEU C 8 -6.04 31.88 10.18
C LEU C 8 -7.23 32.28 11.05
N SER C 9 -8.07 33.18 10.52
CA SER C 9 -9.24 33.64 11.25
C SER C 9 -10.43 33.66 10.29
N ASP C 10 -11.63 33.63 10.89
CA ASP C 10 -12.85 33.66 10.09
C ASP C 10 -12.93 34.91 9.23
N ASN C 11 -12.28 35.99 9.65
CA ASN C 11 -12.35 37.21 8.87
C ASN C 11 -11.60 37.04 7.54
N ASP C 12 -10.64 36.10 7.46
CA ASP C 12 -9.82 35.87 6.26
C ASP C 12 -10.49 34.91 5.29
N TYR C 13 -11.75 34.55 5.54
CA TYR C 13 -12.45 33.57 4.72
C TYR C 13 -12.50 34.00 3.26
N ASP C 14 -12.78 35.27 3.01
CA ASP C 14 -12.94 35.75 1.64
C ASP C 14 -11.64 35.60 0.86
N GLY C 15 -10.52 36.00 1.46
CA GLY C 15 -9.26 35.94 0.75
C GLY C 15 -8.82 34.52 0.46
N ILE C 16 -8.94 33.63 1.45
CA ILE C 16 -8.51 32.25 1.25
C ILE C 16 -9.36 31.55 0.19
N LYS C 17 -10.69 31.73 0.22
CA LYS C 17 -11.54 31.07 -0.78
C LYS C 17 -11.20 31.54 -2.19
N LYS C 18 -10.98 32.84 -2.39
CA LYS C 18 -10.62 33.31 -3.73
C LYS C 18 -9.34 32.64 -4.19
N LEU C 19 -8.33 32.58 -3.33
CA LEU C 19 -7.10 31.90 -3.68
C LEU C 19 -7.38 30.44 -4.01
N LEU C 20 -8.31 29.84 -3.30
CA LEU C 20 -8.65 28.45 -3.55
C LEU C 20 -9.39 28.29 -4.89
N GLN C 21 -10.39 29.13 -5.11
CA GLN C 21 -11.15 29.08 -6.36
C GLN C 21 -10.23 29.29 -7.55
N GLN C 22 -9.08 29.94 -7.32
CA GLN C 22 -8.12 30.18 -8.37
C GLN C 22 -7.36 28.91 -8.69
N LEU C 23 -7.32 28.00 -7.74
CA LEU C 23 -6.59 26.75 -7.91
C LEU C 23 -7.42 25.72 -8.64
N PHE C 24 -8.66 25.56 -8.21
CA PHE C 24 -9.55 24.55 -8.76
C PHE C 24 -10.40 25.10 -9.90
N LEU C 25 -10.44 26.41 -10.02
CA LEU C 25 -11.18 27.07 -11.08
C LEU C 25 -12.65 26.61 -11.15
N LYS C 26 -12.99 25.85 -12.18
CA LYS C 26 -14.37 25.42 -12.39
C LYS C 26 -14.64 24.03 -11.85
N ALA C 27 -13.62 23.38 -11.31
CA ALA C 27 -13.75 22.02 -10.80
C ALA C 27 -14.92 21.88 -9.83
N PRO C 28 -15.54 20.62 -9.82
CA PRO C 28 -16.64 20.52 -8.83
C PRO C 28 -16.10 20.28 -7.43
N VAL C 29 -15.36 21.27 -6.93
CA VAL C 29 -14.75 21.23 -5.61
C VAL C 29 -15.39 22.33 -4.77
N ASN C 30 -15.84 21.96 -3.57
CA ASN C 30 -16.47 22.93 -2.68
C ASN C 30 -15.39 23.76 -2.00
N THR C 31 -15.02 24.87 -2.64
CA THR C 31 -14.03 25.76 -2.04
C THR C 31 -14.55 26.42 -0.76
N ALA C 32 -15.87 26.62 -0.66
CA ALA C 32 -16.44 27.21 0.54
C ALA C 32 -16.25 26.32 1.76
N GLU C 33 -16.62 25.04 1.64
CA GLU C 33 -16.46 24.13 2.78
C GLU C 33 -14.98 23.98 3.13
N LEU C 34 -14.11 23.91 2.13
CA LEU C 34 -12.68 23.78 2.36
C LEU C 34 -12.11 24.96 3.16
N THR C 35 -12.50 26.19 2.80
CA THR C 35 -11.98 27.38 3.49
C THR C 35 -12.37 27.40 4.96
N ASP C 36 -13.64 27.10 5.24
CA ASP C 36 -14.08 27.01 6.65
C ASP C 36 -13.28 25.91 7.35
N LEU C 37 -13.05 24.78 6.68
CA LEU C 37 -12.34 23.64 7.32
C LEU C 37 -10.91 24.05 7.67
N LEU C 38 -10.22 24.78 6.78
CA LEU C 38 -8.84 25.25 7.05
C LEU C 38 -8.89 26.27 8.19
N ILE C 39 -9.86 27.18 8.15
CA ILE C 39 -10.01 28.19 9.18
C ILE C 39 -10.32 27.54 10.52
N GLN C 40 -11.24 26.56 10.54
CA GLN C 40 -11.56 25.91 11.80
C GLN C 40 -10.40 25.11 12.37
N GLN C 41 -9.39 24.80 11.55
CA GLN C 41 -8.17 24.21 12.09
C GLN C 41 -7.37 25.28 12.82
N ASN C 42 -7.07 25.01 14.10
CA ASN C 42 -6.42 25.98 14.96
C ASN C 42 -4.96 25.59 15.13
N HIS C 43 -4.09 26.59 15.11
CA HIS C 43 -2.64 26.46 15.28
C HIS C 43 -1.98 25.87 14.04
N ILE C 44 -2.73 25.63 12.96
CA ILE C 44 -2.19 25.10 11.71
C ILE C 44 -2.51 26.09 10.59
N GLY C 45 -1.50 26.54 9.89
CA GLY C 45 -1.76 27.43 8.78
C GLY C 45 -1.44 28.88 9.11
N SER C 46 -1.09 29.64 8.07
CA SER C 46 -0.79 31.06 8.22
C SER C 46 -1.30 31.80 7.00
N VAL C 47 -1.67 33.06 7.20
CA VAL C 47 -2.08 33.96 6.12
C VAL C 47 -1.08 35.10 6.06
N ILE C 48 -0.80 35.56 4.84
CA ILE C 48 0.13 36.64 4.60
C ILE C 48 -0.66 37.90 4.29
N LYS C 49 -0.38 38.99 5.01
CA LYS C 49 -1.00 40.27 4.75
C LYS C 49 0.07 41.35 4.69
N GLN C 50 -0.19 42.35 3.86
CA GLN C 50 0.74 43.46 3.69
C GLN C 50 0.56 44.49 4.79
N THR C 51 1.67 44.94 5.35
CA THR C 51 1.64 45.96 6.40
C THR C 51 2.59 47.11 6.05
N ASP C 62 -6.81 47.69 2.72
CA ASP C 62 -5.47 47.23 2.39
C ASP C 62 -4.86 46.27 3.42
N GLU C 63 -5.34 46.26 4.65
CA GLU C 63 -4.88 45.17 5.53
C GLU C 63 -5.74 43.91 5.34
N ASP C 64 -7.00 44.10 4.96
CA ASP C 64 -7.96 42.96 4.88
C ASP C 64 -7.53 41.96 3.82
N GLU C 65 -6.90 42.43 2.74
CA GLU C 65 -6.57 41.51 1.63
C GLU C 65 -5.63 40.42 2.12
N VAL C 66 -5.89 39.16 1.74
CA VAL C 66 -4.97 38.05 2.10
C VAL C 66 -4.05 37.84 0.89
N PHE C 67 -2.75 38.10 1.06
CA PHE C 67 -1.81 38.02 -0.08
C PHE C 67 -1.39 36.57 -0.31
N GLY C 68 -1.50 35.73 0.72
CA GLY C 68 -1.18 34.32 0.55
C GLY C 68 -1.54 33.56 1.80
N PHE C 69 -1.59 32.25 1.66
CA PHE C 69 -1.84 31.39 2.80
C PHE C 69 -1.15 30.05 2.58
N ILE C 70 -0.87 29.37 3.69
CA ILE C 70 -0.33 28.02 3.66
C ILE C 70 -1.04 27.20 4.71
N SER C 71 -1.38 25.94 4.38
CA SER C 71 -2.01 25.06 5.36
C SER C 71 -1.84 23.62 4.92
N LEU C 72 -2.20 22.71 5.83
CA LEU C 72 -2.14 21.28 5.60
C LEU C 72 -3.44 20.63 6.04
N LEU C 73 -3.92 19.67 5.26
CA LEU C 73 -5.07 18.85 5.65
C LEU C 73 -4.73 17.37 5.60
N ASN C 74 -5.03 16.66 6.69
CA ASN C 74 -4.91 15.21 6.75
C ASN C 74 -6.10 14.62 6.02
N LEU C 75 -5.84 14.00 4.87
CA LEU C 75 -6.93 13.51 4.02
C LEU C 75 -7.65 12.32 4.66
N THR C 76 -6.95 11.44 5.38
CA THR C 76 -7.65 10.33 6.04
C THR C 76 -8.48 10.83 7.21
N GLU C 77 -7.97 11.82 7.97
CA GLU C 77 -8.76 12.39 9.06
C GLU C 77 -10.05 12.98 8.54
N ARG C 78 -9.99 13.69 7.41
CA ARG C 78 -11.10 14.44 6.84
C ARG C 78 -11.88 13.63 5.82
N LYS C 79 -11.76 12.29 5.83
CA LYS C 79 -12.21 11.49 4.71
C LYS C 79 -13.73 11.61 4.49
N GLY C 80 -14.50 11.73 5.58
CA GLY C 80 -15.94 11.85 5.43
C GLY C 80 -16.43 13.19 4.93
N THR C 81 -15.55 14.18 4.87
N THR C 81 -15.59 14.18 4.95
CA THR C 81 -15.92 15.51 4.41
CA THR C 81 -15.97 15.52 4.50
C THR C 81 -16.08 15.55 2.90
C THR C 81 -16.13 15.55 2.99
N GLN C 82 -17.12 16.25 2.45
CA GLN C 82 -17.44 16.27 1.02
C GLN C 82 -16.31 16.89 0.20
N CYS C 83 -15.71 17.97 0.68
CA CYS C 83 -14.72 18.68 -0.14
C CYS C 83 -13.48 17.81 -0.37
N VAL C 84 -13.07 17.00 0.61
CA VAL C 84 -11.93 16.12 0.38
C VAL C 84 -12.28 15.08 -0.66
N GLU C 85 -13.53 14.58 -0.65
CA GLU C 85 -13.94 13.63 -1.68
C GLU C 85 -13.85 14.27 -3.06
N GLN C 86 -14.27 15.53 -3.16
CA GLN C 86 -14.25 16.21 -4.46
C GLN C 86 -12.83 16.39 -4.97
N ILE C 87 -11.90 16.80 -4.09
CA ILE C 87 -10.52 16.98 -4.54
C ILE C 87 -9.91 15.66 -4.93
N GLN C 88 -10.13 14.61 -4.13
CA GLN C 88 -9.56 13.30 -4.42
C GLN C 88 -10.10 12.74 -5.73
N GLU C 89 -11.39 12.89 -5.97
CA GLU C 89 -11.92 12.43 -7.25
C GLU C 89 -11.42 13.29 -8.40
N LEU C 90 -11.11 14.57 -8.14
CA LEU C 90 -10.61 15.43 -9.21
C LEU C 90 -9.26 14.93 -9.73
N VAL C 91 -8.31 14.74 -8.82
CA VAL C 91 -6.97 14.36 -9.25
C VAL C 91 -6.97 12.94 -9.83
N LEU C 92 -7.80 12.04 -9.27
CA LEU C 92 -7.84 10.66 -9.74
C LEU C 92 -8.41 10.57 -11.14
N ARG C 93 -9.50 11.29 -11.34
CA ARG C 93 -10.21 11.38 -12.60
C ARG C 93 -9.33 12.04 -13.66
N PHE C 94 -8.60 13.07 -13.26
CA PHE C 94 -7.63 13.67 -14.16
C PHE C 94 -6.42 12.76 -14.33
N CYS C 95 -6.08 11.97 -13.31
CA CYS C 95 -5.04 10.96 -13.50
C CYS C 95 -5.44 9.92 -14.54
N GLU C 96 -6.70 9.46 -14.52
CA GLU C 96 -7.12 8.51 -15.56
C GLU C 96 -7.06 9.15 -16.94
N LYS C 97 -7.43 10.43 -17.01
CA LYS C 97 -7.43 11.21 -18.24
C LYS C 97 -6.05 11.32 -18.88
N ASN C 98 -5.03 11.62 -18.08
CA ASN C 98 -3.71 11.98 -18.60
C ASN C 98 -2.66 10.92 -18.31
N CYS C 99 -3.04 9.77 -17.76
CA CYS C 99 -2.04 8.84 -17.26
C CYS C 99 -2.41 7.39 -17.56
N GLU C 100 -1.40 6.51 -17.43
CA GLU C 100 -1.60 5.08 -17.54
C GLU C 100 -2.31 4.54 -16.30
N LYS C 101 -3.01 3.42 -16.46
CA LYS C 101 -3.78 2.88 -15.35
C LYS C 101 -2.91 2.45 -14.16
N SER C 102 -1.66 2.06 -14.39
CA SER C 102 -0.80 1.71 -13.25
C SER C 102 -0.63 2.89 -12.32
N MET C 103 -0.45 4.10 -12.87
CA MET C 103 -0.27 5.26 -12.02
C MET C 103 -1.55 5.63 -11.29
N VAL C 104 -2.70 5.53 -11.95
CA VAL C 104 -3.93 5.90 -11.23
C VAL C 104 -4.17 4.92 -10.09
N GLU C 105 -3.97 3.63 -10.34
CA GLU C 105 -4.18 2.66 -9.27
C GLU C 105 -3.16 2.86 -8.16
N GLN C 106 -1.92 3.17 -8.51
CA GLN C 106 -0.91 3.47 -7.49
C GLN C 106 -1.30 4.71 -6.72
N LEU C 107 -1.82 5.71 -7.41
CA LEU C 107 -2.25 6.94 -6.75
C LEU C 107 -3.38 6.67 -5.77
N ASP C 108 -4.39 5.90 -6.20
CA ASP C 108 -5.51 5.67 -5.31
C ASP C 108 -5.09 4.78 -4.12
N LYS C 109 -4.07 3.92 -4.32
CA LYS C 109 -3.54 3.12 -3.22
C LYS C 109 -2.92 4.00 -2.13
N PHE C 110 -2.18 5.04 -2.53
CA PHE C 110 -1.62 5.98 -1.56
C PHE C 110 -2.72 6.70 -0.81
N LEU C 111 -3.78 7.09 -1.54
CA LEU C 111 -4.86 7.88 -0.95
C LEU C 111 -5.76 7.08 -0.03
N ASN C 112 -5.80 5.75 -0.16
CA ASN C 112 -6.64 4.93 0.70
C ASN C 112 -5.83 4.14 1.71
N ASP C 113 -4.56 4.48 1.91
CA ASP C 113 -3.74 3.82 2.94
C ASP C 113 -3.90 4.62 4.24
N THR C 114 -4.86 4.18 5.07
CA THR C 114 -5.11 4.88 6.32
C THR C 114 -3.91 4.80 7.27
N THR C 115 -3.08 3.77 7.11
CA THR C 115 -1.88 3.64 7.95
C THR C 115 -0.85 4.72 7.64
N LYS C 116 -0.74 5.13 6.38
CA LYS C 116 0.21 6.17 5.97
C LYS C 116 -0.56 7.34 5.38
N PRO C 117 -1.09 8.20 6.23
CA PRO C 117 -1.98 9.27 5.75
C PRO C 117 -1.28 10.25 4.82
N VAL C 118 -2.06 10.81 3.91
CA VAL C 118 -1.59 11.82 2.96
C VAL C 118 -2.09 13.18 3.42
N GLY C 119 -1.18 14.15 3.50
CA GLY C 119 -1.54 15.49 3.87
C GLY C 119 -1.55 16.38 2.65
N LEU C 120 -2.68 17.02 2.40
CA LEU C 120 -2.78 17.97 1.30
C LEU C 120 -2.13 19.28 1.72
N LEU C 121 -1.11 19.70 0.99
CA LEU C 121 -0.40 20.93 1.27
C LEU C 121 -0.96 22.02 0.34
N LEU C 122 -1.56 23.05 0.93
CA LEU C 122 -2.12 24.15 0.15
C LEU C 122 -1.29 25.39 0.45
N SER C 123 -0.56 25.86 -0.55
CA SER C 123 0.33 27.01 -0.40
C SER C 123 0.06 27.90 -1.60
N GLU C 124 -0.74 28.94 -1.40
CA GLU C 124 -1.16 29.81 -2.50
C GLU C 124 -0.84 31.25 -2.19
N ARG C 125 -0.36 31.97 -3.20
CA ARG C 125 -0.02 33.38 -3.06
C ARG C 125 -0.10 34.07 -4.42
N PHE C 126 -0.26 35.38 -4.39
CA PHE C 126 -0.30 36.18 -5.60
C PHE C 126 1.10 36.37 -6.18
N ILE C 127 1.14 36.65 -7.49
CA ILE C 127 2.41 36.69 -8.19
C ILE C 127 3.21 37.92 -7.73
N ASN C 128 2.53 39.00 -7.39
CA ASN C 128 3.19 40.23 -6.97
C ASN C 128 3.91 40.06 -5.63
N VAL C 129 3.51 39.08 -4.83
CA VAL C 129 4.25 38.75 -3.60
C VAL C 129 5.63 38.22 -3.95
N PRO C 130 6.69 38.69 -3.28
CA PRO C 130 8.04 38.18 -3.56
C PRO C 130 8.16 36.69 -3.27
N PRO C 131 8.83 35.92 -4.15
CA PRO C 131 8.93 34.48 -3.93
C PRO C 131 9.77 34.07 -2.72
N GLN C 132 10.62 34.94 -2.18
CA GLN C 132 11.46 34.57 -1.04
C GLN C 132 10.66 34.33 0.23
N ILE C 133 9.41 34.81 0.28
CA ILE C 133 8.58 34.63 1.45
C ILE C 133 8.25 33.16 1.68
N ALA C 134 8.43 32.32 0.66
CA ALA C 134 8.07 30.92 0.79
C ALA C 134 8.87 30.24 1.90
N LEU C 135 10.14 30.64 2.05
CA LEU C 135 10.98 29.97 3.05
C LEU C 135 10.45 30.13 4.46
N PRO C 136 10.19 31.34 4.97
CA PRO C 136 9.52 31.43 6.28
C PRO C 136 8.12 30.80 6.32
N MET C 137 7.37 30.82 5.21
CA MET C 137 6.07 30.15 5.23
C MET C 137 6.21 28.66 5.49
N TYR C 138 7.13 28.01 4.78
CA TYR C 138 7.36 26.58 4.98
C TYR C 138 8.04 26.31 6.31
N GLN C 139 8.93 27.20 6.74
CA GLN C 139 9.54 27.06 8.05
C GLN C 139 8.49 27.12 9.16
N GLN C 140 7.54 28.05 9.05
CA GLN C 140 6.49 28.15 10.05
C GLN C 140 5.62 26.89 10.05
N LEU C 141 5.26 26.39 8.87
CA LEU C 141 4.44 25.19 8.79
C LEU C 141 5.16 23.97 9.36
N GLN C 142 6.47 23.87 9.11
CA GLN C 142 7.24 22.78 9.69
C GLN C 142 7.22 22.84 11.21
N LYS C 143 7.31 24.04 11.78
CA LYS C 143 7.21 24.19 13.23
C LYS C 143 5.84 23.75 13.73
N GLU C 144 4.77 24.16 13.04
CA GLU C 144 3.42 23.81 13.47
C GLU C 144 3.15 22.30 13.35
N LEU C 145 3.66 21.66 12.29
CA LEU C 145 3.44 20.22 12.11
C LEU C 145 4.17 19.39 13.17
N ALA C 146 5.39 19.80 13.54
CA ALA C 146 6.13 19.09 14.58
C ALA C 146 5.41 19.16 15.92
N GLY C 147 4.83 20.32 16.25
CA GLY C 147 4.02 20.42 17.44
C GLY C 147 2.84 19.46 17.41
N ALA C 148 2.20 19.33 16.23
CA ALA C 148 1.13 18.35 16.07
C ALA C 148 1.65 16.94 16.30
N HIS C 149 2.87 16.66 15.85
CA HIS C 149 3.47 15.35 16.07
C HIS C 149 3.66 15.06 17.55
N ARG C 150 4.04 16.09 18.33
CA ARG C 150 4.19 15.92 19.77
C ARG C 150 2.86 15.57 20.44
N THR C 151 1.78 16.22 20.03
CA THR C 151 0.48 16.04 20.67
C THR C 151 -0.42 15.01 19.97
N ASN C 152 0.14 14.23 19.04
CA ASN C 152 -0.62 13.16 18.38
C ASN C 152 -1.81 13.75 17.64
N LYS C 153 -1.60 14.93 17.02
CA LYS C 153 -2.63 15.52 16.19
C LYS C 153 -2.55 14.92 14.80
N PRO C 154 -3.69 14.84 14.10
CA PRO C 154 -3.67 14.21 12.78
C PRO C 154 -2.79 14.93 11.78
N CYS C 155 -2.69 16.27 11.88
CA CYS C 155 -1.86 17.01 10.92
C CYS C 155 -0.38 16.66 11.04
N GLY C 156 0.07 16.26 12.23
CA GLY C 156 1.44 15.84 12.38
C GLY C 156 1.72 14.39 12.06
N LYS C 157 0.71 13.62 11.66
CA LYS C 157 0.84 12.19 11.43
C LYS C 157 0.93 11.81 9.95
N CYS C 158 1.10 12.78 9.06
CA CYS C 158 1.06 12.49 7.63
C CYS C 158 2.38 11.86 7.19
N TYR C 159 2.28 10.79 6.40
CA TYR C 159 3.47 10.17 5.84
C TYR C 159 3.86 10.74 4.47
N PHE C 160 2.88 11.18 3.70
CA PHE C 160 3.10 11.72 2.37
C PHE C 160 2.39 13.05 2.27
N TYR C 161 2.87 13.91 1.37
CA TYR C 161 2.29 15.23 1.15
C TYR C 161 1.86 15.36 -0.30
N LEU C 162 0.61 15.78 -0.50
CA LEU C 162 0.06 15.98 -1.82
C LEU C 162 -0.03 17.47 -2.09
N LEU C 163 0.55 17.89 -3.20
N LEU C 163 0.51 17.89 -3.11
CA LEU C 163 0.57 19.29 -3.60
CA LEU C 163 0.52 19.29 -3.51
C LEU C 163 -0.02 19.39 -4.98
C LEU C 163 -0.07 19.40 -4.90
N ILE C 164 -0.98 20.29 -5.17
CA ILE C 164 -1.50 20.65 -6.48
C ILE C 164 -0.99 22.04 -6.81
N SER C 165 -0.22 22.16 -7.89
CA SER C 165 0.48 23.39 -8.22
C SER C 165 -0.01 23.95 -9.55
N LYS C 166 -0.01 25.28 -9.63
CA LYS C 166 -0.23 25.97 -10.88
C LYS C 166 1.07 25.97 -11.68
N THR C 167 1.03 25.45 -12.92
CA THR C 167 2.19 25.24 -13.76
C THR C 167 1.83 25.62 -15.21
N PHE C 168 2.85 25.73 -16.08
CA PHE C 168 2.58 26.17 -17.44
C PHE C 168 3.76 25.86 -18.38
N VAL C 169 3.44 25.59 -19.66
CA VAL C 169 4.42 25.28 -20.70
C VAL C 169 4.09 25.99 -22.02
N GLU C 170 5.10 26.13 -22.87
CA GLU C 170 5.14 27.12 -23.97
C GLU C 170 4.02 27.00 -25.00
N ALA C 186 9.66 22.04 -24.07
CA ALA C 186 8.67 22.61 -23.16
C ALA C 186 8.91 22.13 -21.73
N ALA C 187 9.97 22.63 -21.11
CA ALA C 187 10.26 22.29 -19.73
C ALA C 187 9.17 22.83 -18.82
N LEU C 188 8.89 22.09 -17.76
CA LEU C 188 7.80 22.47 -16.86
C LEU C 188 8.20 23.65 -15.99
N MET C 189 7.28 24.62 -15.87
CA MET C 189 7.53 25.85 -15.15
C MET C 189 6.43 26.04 -14.09
N PHE C 190 6.84 26.52 -12.92
CA PHE C 190 5.98 26.62 -11.76
C PHE C 190 5.67 28.09 -11.45
N ALA C 191 4.38 28.39 -11.21
CA ALA C 191 4.00 29.74 -10.79
C ALA C 191 4.71 30.13 -9.50
N ASN C 192 4.71 29.24 -8.52
CA ASN C 192 5.55 29.38 -7.33
C ASN C 192 6.83 28.58 -7.57
N ALA C 193 7.93 29.30 -7.81
CA ALA C 193 9.16 28.65 -8.26
C ALA C 193 9.71 27.67 -7.22
N GLU C 194 9.48 27.95 -5.93
CA GLU C 194 9.98 27.04 -4.90
C GLU C 194 9.40 25.63 -5.08
N GLU C 195 8.20 25.54 -5.64
CA GLU C 195 7.55 24.24 -5.79
C GLU C 195 8.27 23.32 -6.76
N GLU C 196 9.18 23.84 -7.59
CA GLU C 196 10.05 22.94 -8.34
C GLU C 196 10.82 22.00 -7.43
N PHE C 197 11.25 22.48 -6.26
CA PHE C 197 12.07 21.64 -5.40
C PHE C 197 11.26 20.44 -4.90
N PHE C 198 9.95 20.62 -4.69
CA PHE C 198 9.08 19.48 -4.40
C PHE C 198 8.98 18.53 -5.58
N TYR C 199 8.84 19.07 -6.80
CA TYR C 199 8.68 18.25 -7.99
C TYR C 199 9.87 17.32 -8.17
N GLU C 200 11.07 17.82 -7.88
CA GLU C 200 12.27 16.99 -8.01
C GLU C 200 12.18 15.77 -7.11
N LYS C 201 11.54 15.91 -5.95
CA LYS C 201 11.48 14.86 -4.95
C LYS C 201 10.16 14.08 -4.97
N ALA C 202 9.29 14.34 -5.94
CA ALA C 202 7.98 13.70 -5.97
C ALA C 202 8.10 12.29 -6.51
N ILE C 203 7.56 11.34 -5.74
CA ILE C 203 7.52 9.95 -6.19
C ILE C 203 6.40 9.72 -7.19
N LEU C 204 5.34 10.52 -7.17
CA LEU C 204 4.27 10.34 -8.11
C LEU C 204 3.91 11.75 -8.59
N LYS C 205 3.85 11.96 -9.90
CA LYS C 205 3.59 13.31 -10.38
C LYS C 205 2.94 13.27 -11.75
N PHE C 206 2.04 14.21 -12.02
CA PHE C 206 1.44 14.30 -13.34
C PHE C 206 0.86 15.70 -13.52
N ASN C 207 0.55 16.03 -14.77
CA ASN C 207 0.00 17.32 -15.16
C ASN C 207 -1.36 17.14 -15.82
N TYR C 208 -2.25 18.12 -15.63
CA TYR C 208 -3.51 18.14 -16.38
C TYR C 208 -3.82 19.57 -16.81
N SER C 209 -4.47 19.70 -17.96
CA SER C 209 -4.77 21.01 -18.51
C SER C 209 -6.01 21.60 -17.84
N VAL C 210 -6.00 22.92 -17.67
CA VAL C 210 -7.11 23.68 -17.10
C VAL C 210 -7.49 24.78 -18.09
N GLN C 211 -8.79 24.89 -18.41
CA GLN C 211 -9.16 25.69 -19.58
C GLN C 211 -8.99 27.18 -19.32
N GLU C 212 -9.49 27.68 -18.20
CA GLU C 212 -9.41 29.10 -17.93
C GLU C 212 -8.10 29.42 -17.22
N GLU C 213 -7.80 30.72 -17.11
CA GLU C 213 -6.58 31.16 -16.46
C GLU C 213 -6.68 31.03 -14.96
N ASP C 215 -4.86 35.86 -14.05
CA ASP C 215 -5.13 36.95 -13.10
C ASP C 215 -4.18 36.89 -11.91
N THR C 216 -4.75 36.64 -10.74
CA THR C 216 -4.01 36.35 -9.51
C THR C 216 -3.10 37.50 -9.05
N CYS C 217 -3.35 38.73 -9.51
CA CYS C 217 -2.71 39.90 -8.93
C CYS C 217 -3.77 40.77 -8.28
N LEU C 218 -3.57 41.11 -7.01
CA LEU C 218 -4.55 41.90 -6.28
C LEU C 218 -4.77 43.23 -6.97
N GLY C 219 -6.04 43.57 -7.21
CA GLY C 219 -6.35 44.82 -7.88
C GLY C 219 -5.97 44.87 -9.34
N GLY C 220 -5.79 43.72 -9.98
CA GLY C 220 -5.46 43.67 -11.39
C GLY C 220 -6.72 43.49 -12.22
N LYS C 221 -6.90 44.38 -13.19
CA LYS C 221 -8.11 44.36 -14.00
C LYS C 221 -8.08 43.21 -15.01
N TRP C 222 -6.91 42.91 -15.56
CA TRP C 222 -6.72 41.79 -16.47
C TRP C 222 -5.22 41.59 -16.62
N SER C 223 -4.83 40.45 -17.18
CA SER C 223 -3.43 40.04 -17.28
C SER C 223 -3.10 39.67 -18.71
N PHE C 224 -1.82 39.81 -19.07
CA PHE C 224 -1.37 39.48 -20.42
C PHE C 224 0.07 39.00 -20.36
N ASP C 225 0.40 38.06 -21.24
CA ASP C 225 1.70 37.41 -21.27
C ASP C 225 2.38 37.60 -22.62
N ASP C 226 3.64 38.01 -22.58
CA ASP C 226 4.40 38.24 -23.80
C ASP C 226 4.64 36.94 -24.58
N VAL C 227 4.71 35.82 -23.88
CA VAL C 227 4.91 34.51 -24.50
C VAL C 227 3.62 33.71 -24.35
N PRO C 228 3.16 33.01 -25.40
CA PRO C 228 1.91 32.24 -25.27
C PRO C 228 2.12 31.00 -24.39
N MET C 229 1.24 30.81 -23.42
CA MET C 229 1.46 29.77 -22.43
C MET C 229 0.22 28.91 -22.26
N THR C 230 0.44 27.64 -21.90
CA THR C 230 -0.66 26.71 -21.64
C THR C 230 -0.83 26.58 -20.14
N PRO C 231 -1.95 27.04 -19.57
CA PRO C 231 -2.13 26.89 -18.12
C PRO C 231 -2.46 25.44 -17.80
N LEU C 232 -1.84 24.94 -16.73
CA LEU C 232 -2.04 23.56 -16.31
C LEU C 232 -1.78 23.41 -14.81
N ARG C 233 -2.26 22.30 -14.25
CA ARG C 233 -2.05 21.95 -12.86
C ARG C 233 -1.21 20.70 -12.74
N THR C 234 -0.26 20.71 -11.81
CA THR C 234 0.61 19.57 -11.56
C THR C 234 0.27 18.99 -10.19
N VAL C 235 -0.05 17.69 -10.15
CA VAL C 235 -0.32 16.97 -8.93
C VAL C 235 0.92 16.18 -8.58
N MET C 236 1.42 16.33 -7.35
CA MET C 236 2.63 15.63 -6.96
C MET C 236 2.51 15.10 -5.54
N LEU C 237 3.08 13.91 -5.34
CA LEU C 237 3.09 13.24 -4.04
C LEU C 237 4.54 13.13 -3.56
N ILE C 238 4.81 13.66 -2.38
CA ILE C 238 6.17 13.80 -1.86
C ILE C 238 6.26 13.00 -0.58
N PRO C 239 7.24 12.11 -0.43
CA PRO C 239 7.41 11.41 0.85
C PRO C 239 7.89 12.37 1.91
N GLY C 240 7.47 12.10 3.16
CA GLY C 240 7.80 13.00 4.26
C GLY C 240 9.27 13.12 4.53
N ASP C 241 10.02 12.04 4.33
CA ASP C 241 11.44 12.05 4.64
C ASP C 241 12.22 13.08 3.81
N LYS C 242 11.79 13.41 2.56
CA LYS C 242 12.56 14.43 1.81
C LYS C 242 12.27 15.87 2.22
N MET C 243 11.27 16.13 3.06
CA MET C 243 10.93 17.51 3.33
C MET C 243 12.17 18.26 3.85
N ASN C 244 13.00 17.56 4.64
CA ASN C 244 14.19 18.16 5.23
C ASN C 244 15.17 18.67 4.16
N GLU C 245 15.52 17.89 3.11
CA GLU C 245 16.40 18.51 2.12
C GLU C 245 15.63 19.51 1.29
N ILE C 246 14.31 19.29 1.08
CA ILE C 246 13.56 20.29 0.33
C ILE C 246 13.66 21.65 1.02
N MET C 247 13.54 21.63 2.34
CA MET C 247 13.75 22.84 3.11
C MET C 247 15.16 23.40 2.90
N ASP C 248 16.16 22.51 2.77
CA ASP C 248 17.55 22.95 2.60
C ASP C 248 17.72 23.74 1.31
N LYS C 249 17.06 23.27 0.24
CA LYS C 249 17.00 23.95 -1.04
C LYS C 249 16.41 25.31 -0.92
N LEU C 250 15.31 25.43 -0.18
CA LEU C 250 14.66 26.72 0.04
C LEU C 250 15.62 27.68 0.72
N LYS C 251 16.33 27.20 1.74
CA LYS C 251 17.23 28.08 2.48
C LYS C 251 18.35 28.62 1.60
N GLU C 252 18.98 27.78 0.78
CA GLU C 252 20.02 28.31 -0.10
C GLU C 252 19.46 29.26 -1.16
N TYR C 253 18.34 28.93 -1.80
CA TYR C 253 17.90 29.78 -2.89
C TYR C 253 17.03 30.95 -2.45
N LEU C 254 16.31 30.85 -1.33
CA LEU C 254 15.32 31.86 -0.99
C LEU C 254 15.70 32.79 0.14
N SER C 255 16.81 32.54 0.83
CA SER C 255 17.20 33.40 1.95
C SER C 255 17.56 34.77 1.40
N VAL C 256 17.27 35.81 2.18
CA VAL C 256 17.46 37.15 1.63
C VAL C 256 18.72 37.69 2.27
C1 EDO D . -18.57 -28.15 -3.83
O1 EDO D . -17.25 -28.54 -3.60
C2 EDO D . -19.00 -28.86 -5.14
O2 EDO D . -19.94 -28.02 -5.74
C1 EDO E . -17.05 -25.08 -3.46
O1 EDO E . -16.25 -26.15 -3.10
C2 EDO E . -18.02 -25.59 -4.55
O2 EDO E . -19.17 -24.82 -4.45
C1 EDO F . -13.79 -28.50 -1.48
O1 EDO F . -14.85 -28.93 -0.68
C2 EDO F . -12.58 -29.37 -1.10
O2 EDO F . -11.80 -29.50 -2.24
C1 EDO G . -29.64 -15.92 -10.31
O1 EDO G . -29.89 -17.09 -9.60
C2 EDO G . -28.14 -15.93 -10.65
O2 EDO G . -27.71 -17.24 -10.46
C1 EDO H . -13.74 -0.58 11.35
O1 EDO H . -12.74 -0.01 12.12
C2 EDO H . -13.36 -2.06 11.15
O2 EDO H . -14.06 -2.51 10.03
C1 EDO I . -20.94 -23.26 -0.68
O1 EDO I . -19.68 -23.84 -0.78
C2 EDO I . -21.92 -24.25 -1.35
O2 EDO I . -23.04 -23.52 -1.69
C1 PEG J . 13.66 -6.75 -11.16
O1 PEG J . 14.58 -7.17 -10.23
C2 PEG J . 13.22 -7.98 -11.96
O2 PEG J . 12.16 -7.59 -12.78
C3 PEG J . 11.48 -8.68 -13.34
C4 PEG J . 10.60 -8.14 -14.48
O4 PEG J . 9.70 -9.11 -14.79
C1 EDO K . 7.41 21.57 6.34
O1 EDO K . 7.09 20.67 7.35
C2 EDO K . 8.13 20.76 5.25
O2 EDO K . 7.87 19.42 5.53
C1 EDO L . 16.34 19.82 -5.95
O1 EDO L . 15.58 19.96 -7.10
C2 EDO L . 15.81 18.57 -5.22
O2 EDO L . 16.06 18.76 -3.87
#